data_5GM8
#
_entry.id   5GM8
#
_cell.length_a   56.520
_cell.length_b   66.610
_cell.length_c   98.580
_cell.angle_alpha   90.00
_cell.angle_beta   101.96
_cell.angle_gamma   90.00
#
_symmetry.space_group_name_H-M   'P 1 21 1'
#
loop_
_entity.id
_entity.type
_entity.pdbx_description
1 polymer "tRNA (cytidine/uridine-2'-O-)-methyltransferase TrmJ"
2 non-polymer SINEFUNGIN
3 water water
#
_entity_poly.entity_id   1
_entity_poly.type   'polypeptide(L)'
_entity_poly.pdbx_seq_one_letter_code
;LYFQSMMLDRIRVVLVNTSHPGNIGGAARAMKNMGLSQLVLVQPESFPHGDAVARASGATDILDAARVVDTLEEALSGCS
VVLGTSARDRRIPWPLLDPRECATTCLEHLEANGEVALVFGREYAGLTNEELQRCQFHVHIPSDPEFGSLNLAAAVQVLT
YEVRMAWLAAQGK
;
_entity_poly.pdbx_strand_id   A,B,C,D
#
# COMPACT_ATOMS: atom_id res chain seq x y z
N GLN A 4 -9.37 29.26 -35.52
CA GLN A 4 -8.54 28.36 -36.26
C GLN A 4 -8.68 27.00 -35.62
N SER A 5 -7.80 26.10 -35.98
CA SER A 5 -7.82 24.73 -35.47
C SER A 5 -6.38 24.18 -35.37
N MET A 6 -5.48 24.96 -35.92
CA MET A 6 -4.10 24.64 -35.90
C MET A 6 -3.49 25.46 -34.78
N MET A 7 -4.34 25.96 -33.89
CA MET A 7 -3.97 26.75 -32.69
C MET A 7 -3.24 25.90 -31.70
N LEU A 8 -3.76 24.68 -31.45
CA LEU A 8 -3.24 23.72 -30.49
C LEU A 8 -1.84 23.24 -30.85
N ASP A 9 -1.47 23.37 -32.08
CA ASP A 9 -0.17 23.01 -32.53
C ASP A 9 0.88 24.03 -32.04
N ARG A 10 0.46 25.24 -31.73
CA ARG A 10 1.30 26.31 -31.18
C ARG A 10 1.46 26.23 -29.64
N ILE A 11 1.02 25.12 -29.02
CA ILE A 11 1.23 24.86 -27.60
C ILE A 11 2.35 23.82 -27.49
N ARG A 12 3.43 24.21 -26.85
CA ARG A 12 4.62 23.40 -26.62
C ARG A 12 4.53 22.80 -25.21
N VAL A 13 4.55 21.45 -25.09
CA VAL A 13 4.59 20.84 -23.76
C VAL A 13 6.08 20.60 -23.47
N VAL A 14 6.62 21.25 -22.43
CA VAL A 14 8.04 21.14 -22.05
C VAL A 14 8.18 20.30 -20.79
N LEU A 15 8.88 19.19 -20.90
CA LEU A 15 9.15 18.34 -19.76
C LEU A 15 10.60 18.51 -19.36
N VAL A 16 10.84 18.94 -18.12
CA VAL A 16 12.18 19.19 -17.63
C VAL A 16 12.73 18.00 -16.84
N ASN A 17 13.86 17.45 -17.34
CA ASN A 17 14.66 16.39 -16.74
C ASN A 17 13.80 15.21 -16.22
N THR A 18 13.02 14.61 -17.07
CA THR A 18 12.13 13.52 -16.70
C THR A 18 12.92 12.24 -16.33
N SER A 19 12.61 11.69 -15.18
CA SER A 19 13.27 10.50 -14.67
C SER A 19 12.67 9.24 -15.27
N HIS A 20 11.34 9.01 -15.12
CA HIS A 20 10.66 7.81 -15.62
C HIS A 20 10.19 7.93 -17.05
N PRO A 21 10.75 7.19 -17.99
CA PRO A 21 10.33 7.29 -19.39
C PRO A 21 8.84 6.96 -19.69
N GLY A 22 8.22 6.18 -18.83
CA GLY A 22 6.78 5.94 -18.95
C GLY A 22 5.97 7.25 -18.83
N ASN A 23 6.48 8.23 -18.05
CA ASN A 23 5.80 9.53 -17.90
C ASN A 23 5.87 10.37 -19.17
N ILE A 24 6.88 10.19 -20.00
CA ILE A 24 7.01 10.87 -21.25
C ILE A 24 5.93 10.34 -22.21
N GLY A 25 5.79 9.02 -22.26
CA GLY A 25 4.80 8.36 -23.09
C GLY A 25 3.38 8.74 -22.69
N GLY A 26 3.12 8.68 -21.39
CA GLY A 26 1.89 9.09 -20.80
C GLY A 26 1.55 10.53 -21.13
N ALA A 27 2.53 11.44 -21.07
CA ALA A 27 2.35 12.87 -21.42
C ALA A 27 2.02 12.97 -22.90
N ALA A 28 2.69 12.23 -23.74
CA ALA A 28 2.45 12.23 -25.17
C ALA A 28 1.03 11.78 -25.50
N ARG A 29 0.56 10.75 -24.84
CA ARG A 29 -0.78 10.26 -25.00
C ARG A 29 -1.81 11.31 -24.54
N ALA A 30 -1.63 11.89 -23.37
CA ALA A 30 -2.50 12.95 -22.86
C ALA A 30 -2.61 14.13 -23.84
N MET A 31 -1.51 14.47 -24.46
CA MET A 31 -1.41 15.51 -25.42
C MET A 31 -2.20 15.22 -26.68
N LYS A 32 -1.98 14.06 -27.25
CA LYS A 32 -2.63 13.61 -28.45
C LYS A 32 -4.14 13.53 -28.28
N ASN A 33 -4.60 12.99 -27.15
CA ASN A 33 -6.03 12.91 -26.83
C ASN A 33 -6.67 14.30 -26.82
N MET A 34 -5.93 15.34 -26.51
CA MET A 34 -6.44 16.69 -26.45
C MET A 34 -6.20 17.58 -27.70
N GLY A 35 -5.53 17.04 -28.68
CA GLY A 35 -5.25 17.76 -29.88
C GLY A 35 -3.89 18.42 -29.96
N LEU A 36 -3.04 18.22 -28.99
CA LEU A 36 -1.69 18.81 -28.95
C LEU A 36 -0.71 17.85 -29.60
N SER A 37 0.40 18.37 -30.05
CA SER A 37 1.40 17.60 -30.72
C SER A 37 2.86 17.89 -30.45
N GLN A 38 3.17 19.09 -30.07
CA GLN A 38 4.51 19.57 -29.84
C GLN A 38 5.10 19.29 -28.47
N LEU A 39 5.94 18.27 -28.38
CA LEU A 39 6.61 17.85 -27.16
C LEU A 39 8.10 18.21 -27.16
N VAL A 40 8.55 18.80 -26.09
CA VAL A 40 9.95 19.15 -25.93
C VAL A 40 10.48 18.61 -24.62
N LEU A 41 11.61 17.96 -24.71
CA LEU A 41 12.22 17.32 -23.55
C LEU A 41 13.56 17.97 -23.23
N VAL A 42 13.71 18.41 -21.99
CA VAL A 42 14.93 19.03 -21.56
C VAL A 42 15.73 18.06 -20.74
N GLN A 43 16.86 17.64 -21.28
CA GLN A 43 17.75 16.65 -20.62
C GLN A 43 16.99 15.48 -19.97
N PRO A 44 16.23 14.68 -20.69
CA PRO A 44 15.55 13.54 -20.04
C PRO A 44 16.53 12.48 -19.62
N GLU A 45 16.28 11.81 -18.52
CA GLU A 45 17.16 10.77 -18.00
C GLU A 45 17.32 9.62 -19.01
N SER A 46 16.23 9.10 -19.55
CA SER A 46 16.26 8.03 -20.55
C SER A 46 15.28 8.25 -21.68
N PHE A 47 15.78 8.56 -22.84
CA PHE A 47 14.95 8.82 -24.03
C PHE A 47 15.80 8.78 -25.31
N PRO A 48 15.40 8.06 -26.35
CA PRO A 48 14.19 7.23 -26.41
C PRO A 48 14.25 6.01 -25.53
N HIS A 49 13.11 5.41 -25.24
CA HIS A 49 13.02 4.26 -24.36
C HIS A 49 11.70 3.52 -24.57
N GLY A 50 11.72 2.20 -24.47
CA GLY A 50 10.58 1.33 -24.67
C GLY A 50 9.38 1.61 -23.81
N ASP A 51 9.62 2.03 -22.58
CA ASP A 51 8.59 2.37 -21.63
C ASP A 51 7.77 3.59 -22.04
N ALA A 52 8.38 4.52 -22.74
CA ALA A 52 7.71 5.72 -23.26
C ALA A 52 6.81 5.29 -24.42
N VAL A 53 7.32 4.49 -25.33
CA VAL A 53 6.56 3.93 -26.42
C VAL A 53 5.35 3.13 -25.89
N ALA A 54 5.61 2.31 -24.89
CA ALA A 54 4.60 1.50 -24.26
C ALA A 54 3.41 2.28 -23.71
N ARG A 55 3.71 3.35 -22.97
CA ARG A 55 2.70 4.21 -22.39
C ARG A 55 2.04 5.13 -23.42
N ALA A 56 2.67 5.38 -24.55
CA ALA A 56 2.14 6.26 -25.59
C ALA A 56 1.24 5.52 -26.59
N SER A 57 0.29 4.73 -26.12
CA SER A 57 -0.66 4.07 -26.99
C SER A 57 -1.37 5.07 -27.87
N GLY A 58 -1.17 4.96 -29.16
CA GLY A 58 -1.77 5.83 -30.11
C GLY A 58 -1.12 7.17 -30.26
N ALA A 59 0.04 7.35 -29.65
CA ALA A 59 0.75 8.61 -29.67
C ALA A 59 2.28 8.57 -29.87
N THR A 60 2.76 7.52 -30.49
CA THR A 60 4.15 7.32 -30.80
C THR A 60 4.69 8.38 -31.75
N ASP A 61 3.80 8.93 -32.55
CA ASP A 61 4.14 9.98 -33.47
C ASP A 61 4.68 11.24 -32.74
N ILE A 62 4.09 11.53 -31.59
CA ILE A 62 4.49 12.64 -30.75
C ILE A 62 5.92 12.43 -30.27
N LEU A 63 6.20 11.23 -29.81
CA LEU A 63 7.53 10.83 -29.31
C LEU A 63 8.58 10.91 -30.43
N ASP A 64 8.21 10.52 -31.64
CA ASP A 64 9.04 10.54 -32.81
C ASP A 64 9.40 11.95 -33.22
N ALA A 65 8.46 12.85 -33.13
CA ALA A 65 8.63 14.27 -33.46
C ALA A 65 9.20 15.11 -32.29
N ALA A 66 9.36 14.53 -31.11
CA ALA A 66 9.87 15.27 -29.96
C ALA A 66 11.26 15.88 -30.11
N ARG A 67 11.42 17.07 -29.61
CA ARG A 67 12.66 17.77 -29.63
C ARG A 67 13.35 17.54 -28.31
N VAL A 68 14.60 17.13 -28.35
CA VAL A 68 15.39 16.90 -27.14
C VAL A 68 16.42 18.03 -27.10
N VAL A 69 16.47 18.76 -26.00
CA VAL A 69 17.39 19.88 -25.86
C VAL A 69 18.14 19.86 -24.54
N ASP A 70 19.23 20.60 -24.48
CA ASP A 70 20.05 20.67 -23.31
C ASP A 70 19.64 21.71 -22.28
N THR A 71 18.95 22.74 -22.72
CA THR A 71 18.53 23.81 -21.82
C THR A 71 17.09 24.26 -21.90
N LEU A 72 16.57 24.79 -20.79
CA LEU A 72 15.22 25.32 -20.73
C LEU A 72 15.11 26.52 -21.68
N GLU A 73 16.14 27.31 -21.75
CA GLU A 73 16.21 28.44 -22.62
C GLU A 73 15.93 28.02 -24.07
N GLU A 74 16.61 26.99 -24.52
CA GLU A 74 16.45 26.49 -25.83
C GLU A 74 15.00 26.00 -26.06
N ALA A 75 14.45 25.34 -25.08
CA ALA A 75 13.07 24.83 -25.12
C ALA A 75 12.06 25.95 -25.26
N LEU A 76 12.31 27.10 -24.63
CA LEU A 76 11.39 28.25 -24.67
C LEU A 76 11.58 29.26 -25.81
N SER A 77 12.60 29.06 -26.61
CA SER A 77 12.89 29.92 -27.71
C SER A 77 11.74 30.06 -28.72
N GLY A 78 11.27 31.27 -28.89
CA GLY A 78 10.16 31.56 -29.80
C GLY A 78 8.81 31.70 -29.14
N CYS A 79 8.69 31.36 -27.88
CA CYS A 79 7.43 31.44 -27.18
C CYS A 79 7.08 32.85 -26.76
N SER A 80 5.81 33.17 -26.82
CA SER A 80 5.32 34.47 -26.46
C SER A 80 4.93 34.51 -24.99
N VAL A 81 4.63 33.33 -24.45
CA VAL A 81 4.26 33.14 -23.08
C VAL A 81 4.69 31.75 -22.55
N VAL A 82 5.19 31.72 -21.31
CA VAL A 82 5.63 30.52 -20.63
C VAL A 82 4.92 30.36 -19.30
N LEU A 83 4.24 29.26 -19.15
CA LEU A 83 3.49 28.94 -17.95
C LEU A 83 4.14 27.71 -17.34
N GLY A 84 4.54 27.83 -16.09
CA GLY A 84 5.22 26.83 -15.31
C GLY A 84 4.39 26.29 -14.19
N THR A 85 4.47 25.00 -13.99
CA THR A 85 3.71 24.30 -12.98
C THR A 85 4.41 24.17 -11.65
N SER A 86 3.65 24.40 -10.60
CA SER A 86 4.10 24.35 -9.25
C SER A 86 3.18 23.57 -8.35
N ALA A 87 3.66 22.58 -7.65
CA ALA A 87 2.78 21.88 -6.76
C ALA A 87 2.89 22.34 -5.31
N ARG A 88 3.95 23.07 -5.02
CA ARG A 88 4.24 23.60 -3.73
C ARG A 88 3.57 24.89 -4.07
N ASP A 89 3.78 25.99 -3.33
CA ASP A 89 3.06 27.19 -3.77
C ASP A 89 3.67 28.51 -4.15
N ARG A 90 2.89 29.57 -4.05
CA ARG A 90 3.26 30.87 -4.58
C ARG A 90 4.46 31.82 -4.40
N ARG A 91 5.08 32.23 -5.52
CA ARG A 91 6.15 33.22 -5.49
C ARG A 91 5.89 34.60 -6.14
N ILE A 92 5.63 35.59 -5.31
CA ILE A 92 5.38 36.96 -5.73
C ILE A 92 6.68 37.40 -6.36
N PRO A 93 6.65 38.20 -7.40
CA PRO A 93 5.40 38.69 -7.97
C PRO A 93 4.77 37.85 -9.07
N TRP A 94 5.34 36.71 -9.39
CA TRP A 94 4.79 35.81 -10.38
C TRP A 94 3.38 35.43 -10.01
N PRO A 95 2.46 35.63 -11.02
CA PRO A 95 1.10 35.24 -10.67
C PRO A 95 0.87 33.72 -10.65
N LEU A 96 -0.04 33.25 -9.81
CA LEU A 96 -0.43 31.86 -9.62
C LEU A 96 -1.84 31.64 -10.12
N LEU A 97 -1.99 30.73 -11.04
CA LEU A 97 -3.26 30.44 -11.65
C LEU A 97 -3.68 29.03 -11.48
N ASP A 98 -4.95 28.76 -11.63
CA ASP A 98 -5.44 27.41 -11.58
C ASP A 98 -5.46 26.86 -13.04
N PRO A 99 -5.73 25.60 -13.25
CA PRO A 99 -5.73 25.06 -14.62
C PRO A 99 -6.68 25.75 -15.63
N ARG A 100 -7.81 26.20 -15.15
CA ARG A 100 -8.77 26.89 -15.96
C ARG A 100 -8.25 28.26 -16.37
N GLU A 101 -7.69 29.02 -15.45
CA GLU A 101 -7.15 30.34 -15.73
C GLU A 101 -5.97 30.19 -16.68
N CYS A 102 -5.23 29.12 -16.48
CA CYS A 102 -4.09 28.78 -17.36
C CYS A 102 -4.63 28.64 -18.79
N ALA A 103 -5.70 27.85 -18.97
CA ALA A 103 -6.34 27.63 -20.24
C ALA A 103 -6.80 28.90 -20.95
N THR A 104 -7.38 29.82 -20.22
CA THR A 104 -7.85 31.09 -20.71
C THR A 104 -6.68 31.93 -21.22
N THR A 105 -5.58 31.94 -20.49
CA THR A 105 -4.38 32.68 -20.89
C THR A 105 -3.76 32.05 -22.10
N CYS A 106 -3.71 30.73 -22.15
CA CYS A 106 -3.19 30.06 -23.30
C CYS A 106 -3.93 30.45 -24.57
N LEU A 107 -5.24 30.42 -24.52
CA LEU A 107 -6.02 30.74 -25.70
C LEU A 107 -5.96 32.21 -26.11
N GLU A 108 -5.84 33.13 -25.17
CA GLU A 108 -5.66 34.52 -25.45
C GLU A 108 -4.39 34.68 -26.24
N HIS A 109 -3.34 34.04 -25.81
CA HIS A 109 -2.08 34.11 -26.51
C HIS A 109 -2.13 33.42 -27.85
N LEU A 110 -2.90 32.36 -27.98
CA LEU A 110 -2.99 31.63 -29.22
C LEU A 110 -3.78 32.41 -30.22
N GLU A 111 -4.81 33.09 -29.77
CA GLU A 111 -5.62 33.88 -30.64
C GLU A 111 -4.85 35.07 -31.15
N ALA A 112 -3.88 35.54 -30.39
CA ALA A 112 -3.09 36.65 -30.77
C ALA A 112 -1.97 36.24 -31.68
N ASN A 113 -1.95 34.97 -32.01
CA ASN A 113 -0.93 34.38 -32.85
C ASN A 113 0.42 34.19 -32.17
N GLY A 114 0.37 33.84 -30.92
CA GLY A 114 1.56 33.60 -30.16
C GLY A 114 1.88 32.14 -30.08
N GLU A 115 2.87 31.80 -29.28
CA GLU A 115 3.35 30.47 -29.03
C GLU A 115 3.40 30.28 -27.54
N VAL A 116 2.68 29.29 -27.06
CA VAL A 116 2.64 29.00 -25.66
C VAL A 116 3.49 27.81 -25.29
N ALA A 117 4.05 27.86 -24.12
CA ALA A 117 4.85 26.80 -23.56
C ALA A 117 4.28 26.41 -22.21
N LEU A 118 4.11 25.13 -21.97
CA LEU A 118 3.62 24.66 -20.71
C LEU A 118 4.74 23.83 -20.09
N VAL A 119 5.29 24.27 -18.98
CA VAL A 119 6.42 23.64 -18.36
C VAL A 119 6.16 22.81 -17.15
N PHE A 120 6.63 21.58 -17.20
CA PHE A 120 6.48 20.60 -16.17
C PHE A 120 7.86 20.14 -15.63
N GLY A 121 7.93 19.92 -14.34
CA GLY A 121 9.15 19.50 -13.68
C GLY A 121 9.38 18.05 -13.44
N ARG A 122 10.44 17.75 -12.71
CA ARG A 122 10.91 16.42 -12.33
C ARG A 122 9.96 15.73 -11.39
N GLU A 123 9.84 14.44 -11.49
CA GLU A 123 8.97 13.67 -10.61
C GLU A 123 9.31 13.87 -9.11
N TYR A 124 10.60 13.93 -8.86
CA TYR A 124 11.24 14.02 -7.57
C TYR A 124 11.41 15.41 -6.98
N ALA A 125 11.84 16.36 -7.78
CA ALA A 125 12.09 17.67 -7.26
C ALA A 125 11.28 18.78 -7.91
N GLY A 126 10.67 18.50 -9.03
CA GLY A 126 9.90 19.49 -9.72
C GLY A 126 10.77 20.43 -10.49
N LEU A 127 10.38 21.68 -10.50
CA LEU A 127 11.11 22.73 -11.16
C LEU A 127 11.90 23.50 -10.12
N THR A 128 13.07 23.98 -10.50
CA THR A 128 13.92 24.76 -9.63
C THR A 128 13.38 26.17 -9.61
N ASN A 129 13.85 26.99 -8.67
CA ASN A 129 13.41 28.35 -8.57
C ASN A 129 13.85 29.11 -9.79
N GLU A 130 15.00 28.76 -10.28
CA GLU A 130 15.60 29.38 -11.41
C GLU A 130 14.78 29.07 -12.65
N GLU A 131 14.31 27.84 -12.77
CA GLU A 131 13.49 27.46 -13.89
C GLU A 131 12.14 28.18 -13.85
N LEU A 132 11.55 28.26 -12.66
CA LEU A 132 10.28 28.89 -12.47
C LEU A 132 10.32 30.35 -12.82
N GLN A 133 11.44 30.99 -12.62
CA GLN A 133 11.59 32.39 -12.91
C GLN A 133 11.65 32.71 -14.38
N ARG A 134 11.79 31.71 -15.21
CA ARG A 134 11.81 31.90 -16.65
C ARG A 134 10.40 31.89 -17.21
N CYS A 135 9.46 31.65 -16.33
CA CYS A 135 8.07 31.62 -16.70
C CYS A 135 7.44 32.96 -16.37
N GLN A 136 6.37 33.32 -17.07
CA GLN A 136 5.64 34.54 -16.80
C GLN A 136 4.49 34.28 -15.83
N PHE A 137 3.94 33.09 -15.89
CA PHE A 137 2.85 32.66 -15.03
C PHE A 137 3.20 31.33 -14.41
N HIS A 138 2.60 31.04 -13.28
CA HIS A 138 2.78 29.79 -12.62
C HIS A 138 1.41 29.22 -12.53
N VAL A 139 1.32 27.89 -12.53
CA VAL A 139 0.07 27.18 -12.51
C VAL A 139 0.06 26.10 -11.44
N HIS A 140 -0.98 26.11 -10.63
CA HIS A 140 -1.14 25.15 -9.62
C HIS A 140 -2.45 24.46 -9.79
N ILE A 141 -2.39 23.15 -9.71
CA ILE A 141 -3.52 22.28 -9.79
C ILE A 141 -4.00 22.06 -8.37
N PRO A 142 -5.27 22.55 -8.12
CA PRO A 142 -5.75 22.35 -6.75
C PRO A 142 -5.81 20.87 -6.43
N SER A 143 -5.32 20.51 -5.27
CA SER A 143 -5.27 19.16 -4.79
C SER A 143 -5.26 19.08 -3.26
N ASP A 144 -5.31 17.89 -2.70
CA ASP A 144 -5.26 17.67 -1.29
C ASP A 144 -3.92 18.15 -0.77
N PRO A 145 -3.90 19.17 0.07
CA PRO A 145 -2.65 19.72 0.60
C PRO A 145 -1.72 18.72 1.33
N GLU A 146 -2.27 17.65 1.85
CA GLU A 146 -1.51 16.63 2.49
C GLU A 146 -1.00 15.63 1.48
N PHE A 147 -1.47 15.72 0.25
CA PHE A 147 -1.08 14.83 -0.80
C PHE A 147 -1.35 15.49 -2.15
N GLY A 148 -0.65 16.59 -2.35
CA GLY A 148 -0.81 17.40 -3.51
C GLY A 148 0.03 17.18 -4.71
N SER A 149 0.86 16.17 -4.73
CA SER A 149 1.66 15.96 -5.89
C SER A 149 1.15 14.90 -6.83
N LEU A 150 0.63 15.37 -7.94
CA LEU A 150 0.14 14.52 -8.99
C LEU A 150 1.28 13.93 -9.78
N ASN A 151 1.02 12.80 -10.38
CA ASN A 151 1.94 12.16 -11.25
C ASN A 151 2.16 13.14 -12.40
N LEU A 152 3.34 13.14 -12.94
CA LEU A 152 3.70 14.02 -13.99
C LEU A 152 2.80 14.01 -15.20
N ALA A 153 2.54 12.85 -15.76
CA ALA A 153 1.70 12.71 -16.92
C ALA A 153 0.29 13.07 -16.58
N ALA A 154 -0.18 12.75 -15.39
CA ALA A 154 -1.48 13.15 -14.96
C ALA A 154 -1.65 14.69 -14.87
N ALA A 155 -0.61 15.41 -14.48
CA ALA A 155 -0.63 16.85 -14.41
C ALA A 155 -0.75 17.40 -15.83
N VAL A 156 -0.05 16.80 -16.76
CA VAL A 156 -0.10 17.13 -18.16
C VAL A 156 -1.53 16.96 -18.73
N GLN A 157 -2.16 15.88 -18.35
CA GLN A 157 -3.50 15.60 -18.76
C GLN A 157 -4.51 16.65 -18.27
N VAL A 158 -4.42 17.05 -17.01
CA VAL A 158 -5.31 18.05 -16.47
C VAL A 158 -5.15 19.37 -17.23
N LEU A 159 -3.95 19.83 -17.47
CA LEU A 159 -3.71 21.07 -18.14
C LEU A 159 -4.18 21.13 -19.60
N THR A 160 -3.93 20.05 -20.33
CA THR A 160 -4.29 19.94 -21.71
C THR A 160 -5.79 19.79 -21.85
N TYR A 161 -6.43 19.16 -20.86
CA TYR A 161 -7.85 19.00 -20.81
C TYR A 161 -8.51 20.39 -20.70
N GLU A 162 -8.04 21.18 -19.74
CA GLU A 162 -8.55 22.50 -19.55
C GLU A 162 -8.32 23.32 -20.82
N VAL A 163 -7.15 23.17 -21.43
CA VAL A 163 -6.84 23.85 -22.65
C VAL A 163 -7.85 23.49 -23.75
N ARG A 164 -8.14 22.21 -23.93
CA ARG A 164 -9.10 21.77 -24.92
C ARG A 164 -10.48 22.32 -24.64
N MET A 165 -10.92 22.28 -23.37
CA MET A 165 -12.19 22.79 -22.94
C MET A 165 -12.36 24.27 -23.27
N ALA A 166 -11.30 25.05 -23.12
CA ALA A 166 -11.29 26.47 -23.41
C ALA A 166 -11.32 26.74 -24.89
N TRP A 167 -10.67 25.89 -25.65
CA TRP A 167 -10.61 26.00 -27.07
C TRP A 167 -11.94 25.65 -27.74
N LEU A 168 -12.64 24.71 -27.15
CA LEU A 168 -13.95 24.31 -27.62
C LEU A 168 -14.94 25.42 -27.36
N ALA A 169 -14.92 25.98 -26.18
CA ALA A 169 -15.82 27.03 -25.82
C ALA A 169 -15.61 28.27 -26.66
N ALA A 170 -14.40 28.49 -27.14
CA ALA A 170 -14.09 29.63 -27.93
C ALA A 170 -14.66 29.51 -29.32
N GLN A 171 -15.11 28.32 -29.63
CA GLN A 171 -15.66 28.00 -30.90
C GLN A 171 -17.14 27.82 -30.80
N GLY A 172 -17.69 28.01 -29.62
CA GLY A 172 -19.09 27.82 -29.43
C GLY A 172 -19.41 26.36 -29.21
N LYS A 173 -18.39 25.54 -29.01
CA LYS A 173 -18.54 24.09 -28.77
C LYS A 173 -18.31 23.76 -27.30
N LEU B 1 -17.06 22.63 6.47
CA LEU B 1 -16.15 22.93 7.54
C LEU B 1 -15.13 21.82 7.69
N TYR B 2 -15.64 20.68 8.09
CA TYR B 2 -14.92 19.47 8.33
C TYR B 2 -15.69 18.35 7.65
N PHE B 3 -17.02 18.32 7.81
CA PHE B 3 -17.80 17.31 7.12
C PHE B 3 -17.97 17.69 5.62
N GLN B 4 -17.26 18.73 5.22
CA GLN B 4 -17.24 19.10 3.82
C GLN B 4 -16.28 18.12 3.23
N SER B 5 -15.11 17.95 3.84
CA SER B 5 -14.12 16.99 3.36
C SER B 5 -14.61 15.55 3.40
N MET B 6 -15.56 15.28 4.27
CA MET B 6 -16.12 13.96 4.37
C MET B 6 -17.04 13.57 3.23
N MET B 7 -17.46 14.54 2.44
CA MET B 7 -18.30 14.32 1.28
C MET B 7 -17.63 13.49 0.22
N LEU B 8 -16.38 13.77 0.00
CA LEU B 8 -15.57 13.12 -0.97
C LEU B 8 -15.36 11.66 -0.66
N ASP B 9 -15.40 11.30 0.60
CA ASP B 9 -15.27 9.93 0.99
C ASP B 9 -16.45 9.09 0.45
N ARG B 10 -17.59 9.73 0.23
CA ARG B 10 -18.79 9.07 -0.24
C ARG B 10 -18.85 8.86 -1.76
N ILE B 11 -17.77 9.16 -2.44
CA ILE B 11 -17.64 8.94 -3.86
C ILE B 11 -16.79 7.70 -4.08
N ARG B 12 -17.42 6.71 -4.63
CA ARG B 12 -16.82 5.47 -4.94
C ARG B 12 -16.34 5.40 -6.40
N VAL B 13 -15.07 5.08 -6.58
CA VAL B 13 -14.50 4.93 -7.88
C VAL B 13 -14.52 3.45 -8.22
N VAL B 14 -15.18 3.10 -9.29
CA VAL B 14 -15.26 1.72 -9.70
C VAL B 14 -14.52 1.45 -11.00
N LEU B 15 -13.64 0.48 -10.94
CA LEU B 15 -12.86 0.08 -12.07
C LEU B 15 -13.27 -1.30 -12.50
N VAL B 16 -13.74 -1.40 -13.72
CA VAL B 16 -14.22 -2.67 -14.22
C VAL B 16 -13.24 -3.43 -15.10
N ASN B 17 -12.85 -4.60 -14.61
CA ASN B 17 -11.99 -5.56 -15.29
C ASN B 17 -10.69 -4.97 -15.82
N THR B 18 -9.99 -4.25 -14.96
CA THR B 18 -8.74 -3.63 -15.32
C THR B 18 -7.68 -4.68 -15.71
N SER B 19 -7.07 -4.47 -16.84
CA SER B 19 -6.06 -5.33 -17.35
C SER B 19 -4.65 -5.02 -16.82
N HIS B 20 -4.21 -3.78 -16.92
CA HIS B 20 -2.90 -3.41 -16.44
C HIS B 20 -2.91 -2.88 -15.04
N PRO B 21 -2.17 -3.62 -14.11
CA PRO B 21 -2.18 -3.14 -12.72
C PRO B 21 -1.60 -1.74 -12.44
N GLY B 22 -0.82 -1.23 -13.34
CA GLY B 22 -0.28 0.10 -13.24
C GLY B 22 -1.40 1.13 -13.26
N ASN B 23 -2.41 0.85 -14.04
CA ASN B 23 -3.59 1.66 -14.12
C ASN B 23 -4.35 1.71 -12.78
N ILE B 24 -4.39 0.62 -12.03
CA ILE B 24 -5.03 0.61 -10.72
C ILE B 24 -4.31 1.54 -9.74
N GLY B 25 -3.00 1.49 -9.74
CA GLY B 25 -2.19 2.36 -8.94
C GLY B 25 -2.31 3.81 -9.37
N GLY B 26 -2.35 4.06 -10.65
CA GLY B 26 -2.49 5.39 -11.17
C GLY B 26 -3.82 5.99 -10.76
N ALA B 27 -4.87 5.19 -10.81
CA ALA B 27 -6.18 5.62 -10.40
C ALA B 27 -6.21 6.00 -8.94
N ALA B 28 -5.56 5.21 -8.13
CA ALA B 28 -5.50 5.44 -6.72
C ALA B 28 -4.80 6.73 -6.34
N ARG B 29 -3.70 7.04 -7.01
CA ARG B 29 -2.95 8.24 -6.79
C ARG B 29 -3.78 9.46 -7.20
N ALA B 30 -4.43 9.37 -8.35
CA ALA B 30 -5.27 10.43 -8.88
C ALA B 30 -6.37 10.71 -7.88
N MET B 31 -6.96 9.68 -7.31
CA MET B 31 -7.99 9.84 -6.33
C MET B 31 -7.51 10.54 -5.08
N LYS B 32 -6.38 10.10 -4.57
CA LYS B 32 -5.77 10.66 -3.37
C LYS B 32 -5.37 12.10 -3.55
N ASN B 33 -4.83 12.45 -4.71
CA ASN B 33 -4.43 13.79 -5.03
C ASN B 33 -5.66 14.72 -4.91
N MET B 34 -6.83 14.21 -5.26
CA MET B 34 -8.07 14.94 -5.21
C MET B 34 -8.93 14.83 -3.93
N GLY B 35 -8.52 14.03 -2.98
CA GLY B 35 -9.23 13.87 -1.75
C GLY B 35 -10.19 12.72 -1.69
N LEU B 36 -10.20 11.87 -2.69
CA LEU B 36 -11.05 10.69 -2.73
C LEU B 36 -10.33 9.51 -2.13
N SER B 37 -11.08 8.62 -1.55
CA SER B 37 -10.53 7.48 -0.89
C SER B 37 -10.99 6.08 -1.22
N GLN B 38 -12.21 5.96 -1.70
CA GLN B 38 -12.89 4.71 -1.92
C GLN B 38 -12.79 4.07 -3.28
N LEU B 39 -12.01 3.00 -3.36
CA LEU B 39 -11.81 2.28 -4.59
C LEU B 39 -12.38 0.89 -4.59
N VAL B 40 -13.11 0.57 -5.62
CA VAL B 40 -13.71 -0.71 -5.78
C VAL B 40 -13.26 -1.26 -7.12
N LEU B 41 -12.84 -2.49 -7.10
CA LEU B 41 -12.38 -3.13 -8.30
C LEU B 41 -13.22 -4.34 -8.64
N VAL B 42 -13.71 -4.36 -9.86
CA VAL B 42 -14.50 -5.47 -10.31
C VAL B 42 -13.64 -6.34 -11.19
N GLN B 43 -13.43 -7.55 -10.71
CA GLN B 43 -12.65 -8.54 -11.44
C GLN B 43 -11.35 -8.02 -12.06
N PRO B 44 -10.45 -7.48 -11.26
CA PRO B 44 -9.23 -7.02 -11.91
C PRO B 44 -8.43 -8.24 -12.41
N GLU B 45 -7.73 -8.08 -13.50
CA GLU B 45 -6.95 -9.16 -14.04
C GLU B 45 -5.77 -9.49 -13.10
N SER B 46 -5.07 -8.50 -12.59
CA SER B 46 -3.97 -8.75 -11.68
C SER B 46 -3.96 -7.82 -10.50
N PHE B 47 -4.32 -8.29 -9.33
CA PHE B 47 -4.28 -7.46 -8.15
C PHE B 47 -4.43 -8.34 -6.94
N PRO B 48 -3.59 -8.17 -5.84
CA PRO B 48 -2.61 -7.08 -5.88
C PRO B 48 -1.42 -7.36 -6.78
N HIS B 49 -0.63 -6.34 -7.06
CA HIS B 49 0.54 -6.45 -7.92
C HIS B 49 1.52 -5.31 -7.64
N GLY B 50 2.79 -5.53 -7.94
CA GLY B 50 3.84 -4.54 -7.74
C GLY B 50 3.74 -3.25 -8.51
N ASP B 51 3.27 -3.32 -9.74
CA ASP B 51 3.11 -2.16 -10.59
C ASP B 51 2.11 -1.21 -9.98
N ALA B 52 1.04 -1.76 -9.41
CA ALA B 52 0.02 -0.95 -8.75
C ALA B 52 0.61 -0.20 -7.59
N VAL B 53 1.38 -0.86 -6.77
CA VAL B 53 2.01 -0.19 -5.66
C VAL B 53 2.95 0.90 -6.13
N ALA B 54 3.72 0.63 -7.15
CA ALA B 54 4.63 1.61 -7.67
C ALA B 54 3.96 2.87 -8.23
N ARG B 55 2.92 2.67 -9.03
CA ARG B 55 2.12 3.71 -9.64
C ARG B 55 1.36 4.48 -8.63
N ALA B 56 0.99 3.82 -7.56
CA ALA B 56 0.25 4.48 -6.51
C ALA B 56 1.19 5.09 -5.51
N SER B 57 2.23 5.76 -5.93
CA SER B 57 3.15 6.25 -4.95
C SER B 57 2.52 7.16 -3.95
N GLY B 58 2.57 6.73 -2.70
CA GLY B 58 2.01 7.41 -1.56
C GLY B 58 0.53 7.19 -1.31
N ALA B 59 -0.12 6.46 -2.20
CA ALA B 59 -1.56 6.18 -2.16
C ALA B 59 -1.87 4.71 -1.98
N THR B 60 -0.96 3.99 -1.35
CA THR B 60 -1.08 2.56 -1.07
C THR B 60 -2.23 2.29 -0.14
N ASP B 61 -2.58 3.26 0.67
CA ASP B 61 -3.67 3.15 1.60
C ASP B 61 -4.99 2.92 0.88
N ILE B 62 -5.15 3.53 -0.29
CA ILE B 62 -6.32 3.33 -1.09
C ILE B 62 -6.35 1.92 -1.63
N LEU B 63 -5.20 1.43 -2.04
CA LEU B 63 -5.11 0.09 -2.55
C LEU B 63 -5.44 -0.94 -1.47
N ASP B 64 -4.98 -0.68 -0.28
CA ASP B 64 -5.18 -1.49 0.89
C ASP B 64 -6.63 -1.58 1.28
N ALA B 65 -7.32 -0.47 1.19
CA ALA B 65 -8.70 -0.43 1.54
C ALA B 65 -9.62 -0.81 0.39
N ALA B 66 -9.08 -1.00 -0.81
CA ALA B 66 -9.89 -1.36 -1.97
C ALA B 66 -10.67 -2.65 -1.79
N ARG B 67 -11.87 -2.63 -2.32
CA ARG B 67 -12.73 -3.77 -2.27
C ARG B 67 -12.70 -4.44 -3.62
N VAL B 68 -12.49 -5.74 -3.61
CA VAL B 68 -12.47 -6.49 -4.84
C VAL B 68 -13.72 -7.36 -4.91
N VAL B 69 -14.46 -7.22 -5.99
CA VAL B 69 -15.68 -7.94 -6.18
C VAL B 69 -15.86 -8.60 -7.54
N ASP B 70 -16.68 -9.63 -7.55
CA ASP B 70 -17.04 -10.39 -8.75
C ASP B 70 -17.98 -9.69 -9.74
N THR B 71 -18.89 -8.87 -9.26
CA THR B 71 -19.81 -8.19 -10.14
C THR B 71 -19.96 -6.68 -9.92
N LEU B 72 -20.36 -6.03 -10.99
CA LEU B 72 -20.63 -4.63 -11.01
C LEU B 72 -21.81 -4.37 -10.06
N GLU B 73 -22.78 -5.27 -10.04
CA GLU B 73 -23.91 -5.06 -9.17
C GLU B 73 -23.50 -4.98 -7.72
N GLU B 74 -22.61 -5.89 -7.39
CA GLU B 74 -21.97 -5.83 -6.12
CA GLU B 74 -21.98 -5.81 -6.06
C GLU B 74 -21.18 -4.52 -5.60
N ALA B 75 -20.56 -4.08 -6.69
CA ALA B 75 -19.82 -2.83 -6.64
C ALA B 75 -20.67 -1.63 -6.37
N LEU B 76 -21.85 -1.58 -6.96
CA LEU B 76 -22.76 -0.46 -6.82
C LEU B 76 -23.71 -0.52 -5.62
N SER B 77 -23.69 -1.63 -4.91
CA SER B 77 -24.59 -1.80 -3.82
C SER B 77 -24.42 -0.70 -2.79
N GLY B 78 -25.52 -0.04 -2.48
CA GLY B 78 -25.55 1.04 -1.52
C GLY B 78 -25.33 2.40 -2.09
N CYS B 79 -25.06 2.45 -3.38
CA CYS B 79 -24.89 3.68 -4.04
C CYS B 79 -26.28 4.08 -4.25
N SER B 80 -26.52 5.37 -4.13
CA SER B 80 -27.49 6.39 -4.55
CA SER B 80 -27.44 6.35 -4.67
C SER B 80 -27.75 6.81 -6.08
N VAL B 81 -26.56 7.03 -6.68
CA VAL B 81 -26.48 7.29 -8.11
C VAL B 81 -25.20 6.70 -8.71
N VAL B 82 -25.28 6.32 -9.97
CA VAL B 82 -24.19 5.75 -10.73
C VAL B 82 -23.92 6.51 -12.00
N LEU B 83 -22.68 6.90 -12.16
CA LEU B 83 -22.25 7.57 -13.34
C LEU B 83 -21.24 6.72 -14.04
N GLY B 84 -21.41 6.56 -15.33
CA GLY B 84 -20.59 5.76 -16.17
C GLY B 84 -19.82 6.57 -17.16
N THR B 85 -18.73 6.04 -17.66
CA THR B 85 -17.89 6.74 -18.57
C THR B 85 -17.80 6.11 -19.92
N SER B 86 -17.85 6.93 -20.93
CA SER B 86 -17.79 6.49 -22.30
C SER B 86 -16.74 7.24 -23.09
N ALA B 87 -15.80 6.51 -23.67
CA ALA B 87 -14.76 7.05 -24.50
C ALA B 87 -15.31 7.57 -25.81
N ARG B 88 -16.47 7.10 -26.18
CA ARG B 88 -17.07 7.55 -27.44
C ARG B 88 -18.17 8.48 -27.13
N ASP B 89 -18.21 9.57 -27.85
CA ASP B 89 -19.26 10.53 -27.63
C ASP B 89 -20.19 10.51 -28.82
N ARG B 90 -20.31 9.36 -29.48
CA ARG B 90 -21.37 8.91 -30.41
C ARG B 90 -22.83 8.87 -29.94
N ARG B 91 -23.67 9.43 -30.82
CA ARG B 91 -25.10 9.74 -30.62
C ARG B 91 -26.31 8.81 -30.27
N ILE B 92 -26.14 7.52 -30.62
CA ILE B 92 -27.14 6.46 -30.52
C ILE B 92 -27.74 5.99 -29.15
N PRO B 93 -26.96 5.97 -28.06
CA PRO B 93 -27.54 5.54 -26.80
C PRO B 93 -27.32 6.53 -25.63
N TRP B 94 -28.37 6.89 -24.92
CA TRP B 94 -28.18 7.81 -23.78
C TRP B 94 -27.72 9.01 -22.95
N PRO B 95 -28.07 10.27 -23.43
CA PRO B 95 -27.30 11.53 -23.58
C PRO B 95 -26.16 11.99 -22.59
N LEU B 96 -24.98 12.22 -23.12
CA LEU B 96 -23.80 12.56 -22.34
C LEU B 96 -23.41 13.82 -21.59
N LEU B 97 -22.99 13.63 -20.36
CA LEU B 97 -22.53 14.74 -19.55
C LEU B 97 -21.06 14.98 -19.76
N ASP B 98 -20.61 16.21 -19.71
CA ASP B 98 -19.19 16.49 -19.77
C ASP B 98 -18.64 16.36 -18.32
N PRO B 99 -17.34 16.44 -18.09
CA PRO B 99 -16.80 16.29 -16.71
C PRO B 99 -17.30 17.33 -15.68
N ARG B 100 -17.56 18.53 -16.16
CA ARG B 100 -18.09 19.58 -15.34
C ARG B 100 -19.53 19.31 -14.88
N GLU B 101 -20.42 18.91 -15.79
CA GLU B 101 -21.77 18.56 -15.40
C GLU B 101 -21.72 17.35 -14.54
N CYS B 102 -20.75 16.51 -14.83
CA CYS B 102 -20.54 15.35 -14.05
C CYS B 102 -20.14 15.69 -12.60
N ALA B 103 -19.26 16.65 -12.41
CA ALA B 103 -18.85 17.04 -11.09
C ALA B 103 -20.04 17.57 -10.27
N THR B 104 -20.88 18.37 -10.88
CA THR B 104 -22.08 18.93 -10.29
C THR B 104 -23.14 17.89 -9.89
N THR B 105 -23.50 16.97 -10.78
CA THR B 105 -24.44 15.87 -10.52
C THR B 105 -23.95 15.02 -9.31
N CYS B 106 -22.64 14.79 -9.34
CA CYS B 106 -21.99 13.95 -8.21
CA CYS B 106 -22.03 14.07 -8.23
C CYS B 106 -22.16 14.66 -6.71
N LEU B 107 -21.87 15.94 -6.76
CA LEU B 107 -22.00 16.75 -5.60
C LEU B 107 -23.43 16.90 -5.13
N GLU B 108 -24.35 17.14 -6.04
CA GLU B 108 -25.78 17.28 -5.70
C GLU B 108 -26.25 16.02 -4.99
N HIS B 109 -25.82 14.88 -5.50
CA HIS B 109 -26.14 13.59 -4.95
C HIS B 109 -25.48 13.27 -3.61
N LEU B 110 -24.48 14.02 -3.19
CA LEU B 110 -23.86 13.74 -1.92
C LEU B 110 -24.75 14.27 -0.77
N GLU B 111 -25.88 14.87 -1.09
CA GLU B 111 -26.85 15.45 -0.14
C GLU B 111 -27.49 14.39 0.69
N ALA B 112 -27.86 14.68 1.93
CA ALA B 112 -28.51 13.69 2.80
C ALA B 112 -27.76 12.35 2.94
N ASN B 113 -26.44 12.41 3.02
CA ASN B 113 -25.62 11.20 3.14
C ASN B 113 -25.72 10.25 1.90
N GLY B 114 -25.80 10.81 0.73
CA GLY B 114 -25.88 10.07 -0.49
C GLY B 114 -24.59 9.42 -0.89
N GLU B 115 -24.67 8.34 -1.67
CA GLU B 115 -23.47 7.62 -2.09
C GLU B 115 -23.38 7.67 -3.61
N VAL B 116 -22.23 8.02 -4.16
CA VAL B 116 -22.09 8.11 -5.59
C VAL B 116 -20.98 7.20 -6.15
N ALA B 117 -21.24 6.51 -7.24
CA ALA B 117 -20.24 5.65 -7.88
C ALA B 117 -19.88 6.25 -9.25
N LEU B 118 -18.59 6.30 -9.56
CA LEU B 118 -18.06 6.74 -10.84
C LEU B 118 -17.45 5.47 -11.43
N VAL B 119 -17.96 5.05 -12.57
CA VAL B 119 -17.57 3.82 -13.23
C VAL B 119 -16.73 3.94 -14.50
N PHE B 120 -15.61 3.24 -14.47
CA PHE B 120 -14.65 3.23 -15.53
C PHE B 120 -14.50 1.80 -16.09
N GLY B 121 -14.24 1.72 -17.38
CA GLY B 121 -14.02 0.51 -18.13
C GLY B 121 -12.64 -0.05 -18.47
N ARG B 122 -12.67 -1.13 -19.22
CA ARG B 122 -11.49 -1.84 -19.63
C ARG B 122 -10.64 -1.02 -20.56
N GLU B 123 -9.34 -1.14 -20.47
CA GLU B 123 -8.43 -0.35 -21.26
C GLU B 123 -8.71 -0.47 -22.75
N TYR B 124 -9.01 -1.67 -23.24
CA TYR B 124 -9.34 -1.76 -24.62
C TYR B 124 -10.82 -1.69 -24.95
N ALA B 125 -11.62 -2.52 -24.30
CA ALA B 125 -13.04 -2.67 -24.53
C ALA B 125 -14.00 -1.67 -23.88
N GLY B 126 -13.56 -1.00 -22.84
CA GLY B 126 -14.40 -0.05 -22.13
C GLY B 126 -15.42 -0.77 -21.29
N LEU B 127 -16.62 -0.23 -21.26
CA LEU B 127 -17.73 -0.83 -20.52
C LEU B 127 -18.73 -1.45 -21.50
N THR B 128 -19.31 -2.58 -21.17
CA THR B 128 -20.29 -3.20 -22.05
C THR B 128 -21.62 -2.47 -22.02
N ASN B 129 -22.48 -2.74 -22.96
CA ASN B 129 -23.77 -2.10 -23.03
C ASN B 129 -24.58 -2.40 -21.79
N GLU B 130 -24.41 -3.60 -21.27
CA GLU B 130 -25.04 -4.04 -20.05
C GLU B 130 -24.59 -3.32 -18.81
N GLU B 131 -23.30 -3.03 -18.74
CA GLU B 131 -22.69 -2.30 -17.65
C GLU B 131 -23.15 -0.87 -17.66
N LEU B 132 -23.21 -0.29 -18.81
CA LEU B 132 -23.65 1.07 -18.95
C LEU B 132 -25.11 1.24 -18.52
N GLN B 133 -25.92 0.22 -18.73
CA GLN B 133 -27.33 0.21 -18.39
C GLN B 133 -27.58 0.31 -16.91
N ARG B 134 -26.56 -0.03 -16.13
CA ARG B 134 -26.59 0.04 -14.68
C ARG B 134 -26.30 1.44 -14.19
N CYS B 135 -25.89 2.30 -15.10
CA CYS B 135 -25.56 3.70 -14.82
C CYS B 135 -26.73 4.61 -15.15
N GLN B 136 -27.03 5.55 -14.29
CA GLN B 136 -28.06 6.53 -14.52
C GLN B 136 -27.58 7.68 -15.39
N PHE B 137 -26.29 7.98 -15.33
CA PHE B 137 -25.64 9.04 -16.10
C PHE B 137 -24.41 8.53 -16.86
N HIS B 138 -24.18 9.09 -18.02
CA HIS B 138 -23.08 8.71 -18.85
C HIS B 138 -22.21 9.94 -19.14
N VAL B 139 -20.94 9.80 -18.85
CA VAL B 139 -19.99 10.88 -18.96
C VAL B 139 -18.95 10.71 -20.04
N HIS B 140 -18.76 11.74 -20.83
CA HIS B 140 -17.75 11.74 -21.87
C HIS B 140 -16.82 12.92 -21.64
N ILE B 141 -15.53 12.68 -21.68
CA ILE B 141 -14.55 13.73 -21.58
C ILE B 141 -14.26 14.15 -23.00
N PRO B 142 -14.47 15.40 -23.35
CA PRO B 142 -14.19 15.79 -24.71
C PRO B 142 -12.74 15.60 -25.03
N SER B 143 -12.48 15.03 -26.18
CA SER B 143 -11.18 14.68 -26.68
C SER B 143 -11.17 14.72 -28.19
N ASP B 144 -10.00 14.69 -28.81
CA ASP B 144 -9.88 14.77 -30.27
C ASP B 144 -10.64 13.59 -30.93
N PRO B 145 -11.59 13.86 -31.79
CA PRO B 145 -12.38 12.82 -32.44
C PRO B 145 -11.59 11.88 -33.34
N GLU B 146 -10.61 12.42 -34.02
CA GLU B 146 -9.74 11.70 -34.92
C GLU B 146 -8.82 10.70 -34.26
N PHE B 147 -8.49 10.93 -33.01
CA PHE B 147 -7.56 10.06 -32.29
C PHE B 147 -8.27 9.16 -31.30
N GLY B 148 -7.53 8.71 -30.31
CA GLY B 148 -7.96 7.76 -29.31
C GLY B 148 -8.71 8.13 -28.05
N SER B 149 -8.62 7.21 -27.12
CA SER B 149 -9.22 7.25 -25.81
C SER B 149 -8.15 7.60 -24.81
N LEU B 150 -8.55 8.14 -23.70
CA LEU B 150 -7.60 8.48 -22.65
C LEU B 150 -7.18 7.25 -21.92
N ASN B 151 -6.01 7.25 -21.33
CA ASN B 151 -5.55 6.18 -20.52
C ASN B 151 -6.55 6.14 -19.37
N LEU B 152 -6.79 4.98 -18.81
CA LEU B 152 -7.75 4.77 -17.76
C LEU B 152 -7.52 5.59 -16.48
N ALA B 153 -6.28 5.67 -16.02
CA ALA B 153 -5.88 6.48 -14.88
C ALA B 153 -6.03 7.96 -15.17
N ALA B 154 -5.69 8.36 -16.37
CA ALA B 154 -5.79 9.77 -16.80
C ALA B 154 -7.26 10.23 -16.80
N ALA B 155 -8.19 9.37 -17.22
CA ALA B 155 -9.62 9.61 -17.19
C ALA B 155 -10.11 9.76 -15.73
N VAL B 156 -9.64 8.90 -14.83
CA VAL B 156 -9.98 9.00 -13.40
C VAL B 156 -9.49 10.39 -12.88
N GLN B 157 -8.31 10.80 -13.31
CA GLN B 157 -7.76 12.05 -12.89
C GLN B 157 -8.58 13.26 -13.33
N VAL B 158 -9.03 13.30 -14.58
CA VAL B 158 -9.83 14.38 -15.11
C VAL B 158 -11.17 14.52 -14.35
N LEU B 159 -11.85 13.41 -14.13
CA LEU B 159 -13.10 13.39 -13.41
C LEU B 159 -13.01 13.78 -11.94
N THR B 160 -12.00 13.27 -11.26
CA THR B 160 -11.76 13.59 -9.88
C THR B 160 -11.30 15.03 -9.71
N TYR B 161 -10.53 15.52 -10.66
CA TYR B 161 -10.08 16.91 -10.68
C TYR B 161 -11.29 17.84 -10.79
N GLU B 162 -12.23 17.56 -11.70
CA GLU B 162 -13.42 18.37 -11.86
C GLU B 162 -14.26 18.31 -10.60
N VAL B 163 -14.36 17.16 -9.95
CA VAL B 163 -15.11 17.02 -8.71
C VAL B 163 -14.50 17.91 -7.63
N ARG B 164 -13.18 17.93 -7.49
CA ARG B 164 -12.53 18.78 -6.53
C ARG B 164 -12.73 20.28 -6.84
N MET B 165 -12.66 20.68 -8.10
CA MET B 165 -12.85 22.06 -8.53
C MET B 165 -14.25 22.61 -8.21
N ALA B 166 -15.26 21.78 -8.34
CA ALA B 166 -16.63 22.10 -7.99
C ALA B 166 -16.86 22.15 -6.50
N TRP B 167 -16.25 21.23 -5.80
CA TRP B 167 -16.31 21.13 -4.38
C TRP B 167 -15.64 22.34 -3.71
N LEU B 168 -14.51 22.77 -4.25
CA LEU B 168 -13.80 23.94 -3.79
C LEU B 168 -14.58 25.23 -4.02
N ALA B 169 -15.14 25.40 -5.19
CA ALA B 169 -15.93 26.55 -5.55
C ALA B 169 -17.17 26.70 -4.66
N ALA B 170 -17.77 25.62 -4.29
CA ALA B 170 -18.92 25.62 -3.46
C ALA B 170 -18.65 26.11 -2.05
N GLN B 171 -17.41 26.01 -1.63
CA GLN B 171 -16.94 26.45 -0.31
C GLN B 171 -16.49 27.90 -0.35
N GLY B 172 -16.45 28.47 -1.54
CA GLY B 172 -15.93 29.79 -1.82
C GLY B 172 -14.44 29.74 -2.25
N LYS B 173 -13.98 28.49 -2.30
CA LYS B 173 -12.65 28.03 -2.67
C LYS B 173 -11.69 27.93 -1.47
N GLN C 4 25.97 -8.78 29.38
CA GLN C 4 25.53 -9.69 28.36
C GLN C 4 24.13 -9.24 27.97
N SER C 5 23.39 -8.79 28.97
CA SER C 5 22.02 -8.28 28.81
C SER C 5 21.99 -6.89 28.17
N MET C 6 23.09 -6.11 28.31
CA MET C 6 23.18 -4.76 27.78
C MET C 6 23.39 -4.73 26.26
N MET C 7 23.72 -5.88 25.69
CA MET C 7 23.91 -6.04 24.25
C MET C 7 22.66 -5.79 23.44
N LEU C 8 21.54 -6.33 23.92
CA LEU C 8 20.21 -6.21 23.33
C LEU C 8 19.68 -4.77 23.32
N ASP C 9 20.28 -3.93 24.14
CA ASP C 9 20.00 -2.52 24.22
C ASP C 9 20.47 -1.81 22.97
N ARG C 10 21.48 -2.39 22.37
CA ARG C 10 22.11 -1.85 21.19
C ARG C 10 21.45 -2.20 19.85
N ILE C 11 20.32 -2.87 19.91
CA ILE C 11 19.58 -3.22 18.73
C ILE C 11 18.41 -2.25 18.68
N ARG C 12 18.30 -1.59 17.56
CA ARG C 12 17.31 -0.61 17.27
C ARG C 12 16.23 -1.14 16.35
N VAL C 13 15.00 -1.11 16.79
CA VAL C 13 13.92 -1.59 15.92
C VAL C 13 13.36 -0.35 15.23
N VAL C 14 13.40 -0.30 13.92
CA VAL C 14 12.94 0.83 13.17
C VAL C 14 11.72 0.51 12.39
N LEU C 15 10.66 1.24 12.63
CA LEU C 15 9.41 1.05 11.92
C LEU C 15 9.22 2.23 10.98
N VAL C 16 9.13 1.98 9.70
CA VAL C 16 8.97 3.02 8.74
C VAL C 16 7.53 3.24 8.32
N ASN C 17 7.09 4.48 8.55
CA ASN C 17 5.80 4.99 8.14
C ASN C 17 4.62 4.08 8.50
N THR C 18 4.56 3.63 9.75
CA THR C 18 3.50 2.72 10.17
C THR C 18 2.10 3.35 10.06
N SER C 19 1.22 2.63 9.40
CA SER C 19 -0.13 3.03 9.21
C SER C 19 -1.07 2.74 10.39
N HIS C 20 -1.12 1.51 10.92
CA HIS C 20 -2.01 1.20 12.04
C HIS C 20 -1.28 1.24 13.35
N PRO C 21 -1.67 2.13 14.23
CA PRO C 21 -0.98 2.29 15.51
C PRO C 21 -0.93 1.04 16.35
N GLY C 22 -1.90 0.16 16.26
CA GLY C 22 -1.88 -1.11 16.99
C GLY C 22 -0.64 -1.94 16.69
N ASN C 23 -0.10 -1.81 15.50
CA ASN C 23 1.14 -2.45 15.09
C ASN C 23 2.37 -1.96 15.86
N ILE C 24 2.42 -0.69 16.16
CA ILE C 24 3.48 -0.14 16.92
C ILE C 24 3.46 -0.73 18.31
N GLY C 25 2.27 -0.87 18.89
CA GLY C 25 2.12 -1.46 20.21
C GLY C 25 2.50 -2.91 20.28
N GLY C 26 2.08 -3.67 19.29
CA GLY C 26 2.41 -5.05 19.15
C GLY C 26 3.90 -5.22 18.98
N ALA C 27 4.55 -4.37 18.20
CA ALA C 27 6.00 -4.42 18.04
C ALA C 27 6.71 -4.13 19.34
N ALA C 28 6.23 -3.12 20.07
CA ALA C 28 6.81 -2.77 21.38
C ALA C 28 6.70 -3.95 22.35
N ARG C 29 5.58 -4.64 22.35
CA ARG C 29 5.43 -5.83 23.16
C ARG C 29 6.34 -6.97 22.74
N ALA C 30 6.41 -7.26 21.45
CA ALA C 30 7.27 -8.31 20.93
C ALA C 30 8.74 -8.05 21.28
N MET C 31 9.13 -6.78 21.24
CA MET C 31 10.44 -6.33 21.58
C MET C 31 10.78 -6.54 23.06
N LYS C 32 9.88 -6.14 23.93
CA LYS C 32 10.05 -6.28 25.34
C LYS C 32 10.14 -7.73 25.78
N ASN C 33 9.33 -8.57 25.20
CA ASN C 33 9.33 -9.97 25.52
C ASN C 33 10.68 -10.60 25.24
N MET C 34 11.39 -10.08 24.26
CA MET C 34 12.68 -10.61 23.89
C MET C 34 13.89 -9.92 24.48
N GLY C 35 13.68 -8.91 25.29
CA GLY C 35 14.74 -8.15 25.90
C GLY C 35 15.19 -6.89 25.22
N LEU C 36 14.51 -6.51 24.14
CA LEU C 36 14.83 -5.30 23.41
C LEU C 36 14.10 -4.10 23.99
N SER C 37 14.60 -2.91 23.73
CA SER C 37 14.00 -1.69 24.23
C SER C 37 13.86 -0.58 23.23
N GLN C 38 14.89 -0.36 22.42
CA GLN C 38 15.01 0.78 21.55
C GLN C 38 14.19 0.77 20.27
N LEU C 39 13.09 1.50 20.31
CA LEU C 39 12.18 1.62 19.20
C LEU C 39 12.26 2.99 18.55
N VAL C 40 12.40 3.01 17.25
CA VAL C 40 12.46 4.23 16.48
C VAL C 40 11.33 4.18 15.48
N LEU C 41 10.66 5.29 15.28
CA LEU C 41 9.58 5.38 14.35
C LEU C 41 9.88 6.47 13.32
N VAL C 42 9.75 6.13 12.06
CA VAL C 42 9.98 7.08 11.02
C VAL C 42 8.64 7.48 10.45
N GLN C 43 8.28 8.73 10.62
CA GLN C 43 7.04 9.23 10.08
C GLN C 43 5.79 8.37 10.37
N PRO C 44 5.51 7.97 11.58
CA PRO C 44 4.31 7.15 11.76
C PRO C 44 3.05 7.93 11.43
N GLU C 45 2.05 7.28 10.88
CA GLU C 45 0.83 7.95 10.56
C GLU C 45 0.10 8.50 11.76
N SER C 46 -0.07 7.69 12.80
CA SER C 46 -0.71 8.11 14.05
C SER C 46 0.04 7.65 15.26
N PHE C 47 0.70 8.60 15.91
CA PHE C 47 1.47 8.32 17.11
C PHE C 47 1.77 9.62 17.90
N PRO C 48 1.47 9.68 19.18
CA PRO C 48 0.92 8.60 19.98
C PRO C 48 -0.51 8.30 19.67
N HIS C 49 -1.02 7.16 20.12
CA HIS C 49 -2.38 6.76 19.89
C HIS C 49 -2.75 5.72 20.92
N GLY C 50 -4.03 5.61 21.21
CA GLY C 50 -4.58 4.67 22.15
C GLY C 50 -4.43 3.21 21.76
N ASP C 51 -4.53 2.95 20.47
CA ASP C 51 -4.43 1.63 19.90
C ASP C 51 -3.06 1.03 20.17
N ALA C 52 -2.03 1.85 20.12
CA ALA C 52 -0.64 1.45 20.37
C ALA C 52 -0.49 1.07 21.83
N VAL C 53 -1.03 1.89 22.71
CA VAL C 53 -1.00 1.66 24.16
C VAL C 53 -1.75 0.36 24.52
N ALA C 54 -2.89 0.17 23.86
CA ALA C 54 -3.71 -1.01 24.08
C ALA C 54 -3.01 -2.33 23.71
N ARG C 55 -2.38 -2.38 22.55
CA ARG C 55 -1.61 -3.51 22.10
C ARG C 55 -0.34 -3.76 22.91
N ALA C 56 0.24 -2.68 23.42
CA ALA C 56 1.47 -2.79 24.17
C ALA C 56 1.24 -3.16 25.63
N SER C 57 0.44 -4.15 25.87
CA SER C 57 0.18 -4.58 27.25
C SER C 57 1.47 -4.94 27.97
N GLY C 58 1.86 -4.17 28.97
CA GLY C 58 3.12 -4.35 29.66
C GLY C 58 4.38 -3.74 29.02
N ALA C 59 4.24 -3.06 27.88
CA ALA C 59 5.38 -2.49 27.15
C ALA C 59 5.19 -1.02 26.76
N THR C 60 4.42 -0.32 27.57
CA THR C 60 4.14 1.09 27.39
C THR C 60 5.42 1.93 27.53
N ASP C 61 6.36 1.45 28.32
CA ASP C 61 7.63 2.10 28.53
C ASP C 61 8.40 2.24 27.24
N ILE C 62 8.29 1.23 26.38
CA ILE C 62 8.95 1.25 25.10
C ILE C 62 8.39 2.35 24.24
N LEU C 63 7.06 2.50 24.26
CA LEU C 63 6.37 3.55 23.53
C LEU C 63 6.73 4.94 24.01
N ASP C 64 6.83 5.08 25.32
CA ASP C 64 7.18 6.34 25.90
C ASP C 64 8.59 6.75 25.52
N ALA C 65 9.48 5.79 25.53
CA ALA C 65 10.86 6.02 25.18
C ALA C 65 11.16 6.08 23.69
N ALA C 66 10.17 5.81 22.85
CA ALA C 66 10.35 5.79 21.41
C ALA C 66 10.76 7.08 20.73
N ARG C 67 11.76 7.02 19.85
CA ARG C 67 12.20 8.18 19.10
C ARG C 67 11.37 8.32 17.84
N VAL C 68 10.86 9.50 17.56
CA VAL C 68 10.11 9.72 16.34
C VAL C 68 10.97 10.64 15.49
N VAL C 69 11.21 10.25 14.24
CA VAL C 69 12.06 11.01 13.31
C VAL C 69 11.40 11.18 11.97
N ASP C 70 11.86 12.14 11.20
CA ASP C 70 11.30 12.38 9.88
C ASP C 70 11.98 11.63 8.75
N THR C 71 13.17 11.12 8.95
CA THR C 71 13.85 10.40 7.88
C THR C 71 14.49 9.08 8.36
N LEU C 72 14.69 8.16 7.45
CA LEU C 72 15.35 6.90 7.71
C LEU C 72 16.84 7.14 8.04
N GLU C 73 17.46 8.11 7.39
CA GLU C 73 18.84 8.41 7.65
C GLU C 73 19.03 8.82 9.12
N GLU C 74 18.12 9.63 9.64
CA GLU C 74 18.19 10.00 11.05
C GLU C 74 18.05 8.78 11.91
N ALA C 75 17.16 7.88 11.55
CA ALA C 75 16.95 6.67 12.32
C ALA C 75 18.16 5.76 12.35
N LEU C 76 18.87 5.69 11.25
CA LEU C 76 20.03 4.84 11.15
C LEU C 76 21.37 5.43 11.62
N SER C 77 21.36 6.70 11.96
CA SER C 77 22.58 7.36 12.37
C SER C 77 23.20 6.70 13.60
N GLY C 78 24.47 6.33 13.41
CA GLY C 78 25.30 5.67 14.40
C GLY C 78 25.37 4.15 14.30
N CYS C 79 24.59 3.58 13.40
CA CYS C 79 24.59 2.14 13.22
C CYS C 79 25.69 1.58 12.37
N SER C 80 26.38 0.58 12.88
CA SER C 80 27.43 -0.16 12.21
C SER C 80 26.90 -1.15 11.15
N VAL C 81 25.67 -1.63 11.34
CA VAL C 81 24.98 -2.55 10.43
C VAL C 81 23.45 -2.31 10.39
N VAL C 82 22.87 -2.33 9.19
CA VAL C 82 21.44 -2.08 8.94
C VAL C 82 20.91 -3.27 8.20
N LEU C 83 19.94 -3.93 8.79
CA LEU C 83 19.30 -5.04 8.19
C LEU C 83 17.84 -4.66 7.96
N GLY C 84 17.43 -4.77 6.73
CA GLY C 84 16.10 -4.41 6.29
C GLY C 84 15.35 -5.67 5.93
N THR C 85 14.07 -5.62 6.09
CA THR C 85 13.20 -6.73 5.85
C THR C 85 12.51 -6.64 4.51
N SER C 86 12.37 -7.76 3.85
CA SER C 86 11.76 -7.80 2.55
C SER C 86 10.75 -8.97 2.44
N ALA C 87 9.52 -8.70 2.10
CA ALA C 87 8.54 -9.77 1.91
C ALA C 87 8.48 -10.11 0.39
N ARG C 88 7.94 -9.25 -0.47
CA ARG C 88 7.91 -9.48 -1.94
C ARG C 88 9.31 -9.32 -2.56
N ASP C 89 9.66 -10.09 -3.58
CA ASP C 89 10.99 -9.98 -4.22
C ASP C 89 10.58 -8.96 -5.31
N ARG C 90 11.49 -8.07 -5.60
CA ARG C 90 11.24 -7.02 -6.56
C ARG C 90 12.19 -7.16 -7.68
N ARG C 91 12.06 -6.28 -8.66
CA ARG C 91 12.94 -6.27 -9.82
C ARG C 91 14.43 -6.41 -9.48
N ILE C 92 14.88 -5.77 -8.43
CA ILE C 92 16.27 -5.83 -8.07
C ILE C 92 16.55 -6.97 -7.10
N PRO C 93 17.24 -7.98 -7.55
CA PRO C 93 17.55 -9.08 -6.67
C PRO C 93 18.68 -8.75 -5.74
N TRP C 94 18.50 -9.06 -4.48
CA TRP C 94 19.47 -8.85 -3.44
C TRP C 94 19.70 -10.19 -2.77
N PRO C 95 20.86 -10.48 -2.25
CA PRO C 95 21.00 -11.75 -1.56
C PRO C 95 20.12 -11.68 -0.29
N LEU C 96 19.40 -12.72 0.04
CA LEU C 96 18.54 -12.66 1.19
C LEU C 96 18.99 -13.50 2.35
N LEU C 97 18.86 -12.99 3.55
CA LEU C 97 19.19 -13.75 4.72
C LEU C 97 17.92 -14.21 5.36
N ASP C 98 17.91 -15.33 6.03
CA ASP C 98 16.74 -15.79 6.74
C ASP C 98 16.80 -15.17 8.14
N PRO C 99 15.80 -15.30 8.98
CA PRO C 99 15.88 -14.68 10.31
C PRO C 99 17.02 -15.18 11.16
N ARG C 100 17.38 -16.45 11.08
CA ARG C 100 18.51 -16.95 11.85
C ARG C 100 19.82 -16.33 11.41
N GLU C 101 20.08 -16.26 10.13
CA GLU C 101 21.28 -15.65 9.65
C GLU C 101 21.31 -14.20 10.11
N CYS C 102 20.18 -13.54 10.11
CA CYS C 102 20.05 -12.14 10.53
C CYS C 102 20.56 -11.97 11.99
N ALA C 103 20.10 -12.89 12.90
CA ALA C 103 20.43 -12.92 14.33
C ALA C 103 21.93 -13.14 14.55
N THR C 104 22.54 -14.01 13.75
CA THR C 104 23.98 -14.24 13.79
C THR C 104 24.73 -12.99 13.42
N THR C 105 24.32 -12.32 12.36
CA THR C 105 24.89 -11.06 11.94
C THR C 105 24.69 -9.98 13.01
N CYS C 106 23.53 -9.95 13.64
CA CYS C 106 23.25 -9.01 14.71
C CYS C 106 24.16 -9.22 15.91
N LEU C 107 24.32 -10.46 16.31
CA LEU C 107 25.23 -10.79 17.40
C LEU C 107 26.69 -10.55 17.17
N GLU C 108 27.18 -10.84 15.98
CA GLU C 108 28.55 -10.59 15.68
C GLU C 108 28.82 -9.12 15.77
N HIS C 109 27.93 -8.28 15.23
CA HIS C 109 28.09 -6.83 15.29
C HIS C 109 27.96 -6.27 16.68
N LEU C 110 27.17 -6.91 17.53
CA LEU C 110 27.00 -6.53 18.94
C LEU C 110 28.20 -6.83 19.81
N GLU C 111 28.76 -8.02 19.62
CA GLU C 111 29.94 -8.48 20.32
C GLU C 111 31.13 -7.60 19.96
N ALA C 112 31.21 -7.16 18.72
CA ALA C 112 32.26 -6.29 18.21
C ALA C 112 32.04 -4.83 18.65
N ASN C 113 31.09 -4.66 19.56
CA ASN C 113 30.73 -3.38 20.15
C ASN C 113 30.00 -2.38 19.29
N GLY C 114 29.18 -2.89 18.38
CA GLY C 114 28.42 -2.09 17.46
C GLY C 114 26.98 -1.87 17.74
N GLU C 115 26.37 -0.99 16.93
CA GLU C 115 24.96 -0.68 17.01
C GLU C 115 24.25 -1.26 15.79
N VAL C 116 23.19 -2.02 16.01
CA VAL C 116 22.45 -2.71 14.96
C VAL C 116 21.05 -2.10 14.80
N ALA C 117 20.57 -2.00 13.57
CA ALA C 117 19.23 -1.54 13.27
C ALA C 117 18.50 -2.60 12.50
N LEU C 118 17.27 -2.87 12.88
CA LEU C 118 16.40 -3.79 12.21
C LEU C 118 15.25 -2.95 11.69
N VAL C 119 15.10 -2.93 10.38
CA VAL C 119 14.11 -2.11 9.73
C VAL C 119 12.93 -2.86 9.17
N PHE C 120 11.77 -2.33 9.45
CA PHE C 120 10.49 -2.86 9.03
C PHE C 120 9.71 -1.78 8.30
N GLY C 121 8.99 -2.18 7.27
CA GLY C 121 8.17 -1.33 6.42
C GLY C 121 6.68 -1.13 6.68
N ARG C 122 6.02 -0.44 5.78
CA ARG C 122 4.59 -0.16 5.80
C ARG C 122 3.77 -1.43 5.61
N GLU C 123 2.63 -1.49 6.27
CA GLU C 123 1.78 -2.67 6.24
C GLU C 123 1.37 -3.09 4.85
N TYR C 124 1.03 -2.16 3.98
CA TYR C 124 0.69 -2.60 2.65
C TYR C 124 1.86 -2.65 1.65
N ALA C 125 2.63 -1.59 1.56
CA ALA C 125 3.76 -1.47 0.63
C ALA C 125 5.16 -1.90 1.10
N GLY C 126 5.34 -2.10 2.38
CA GLY C 126 6.63 -2.45 2.92
C GLY C 126 7.62 -1.32 2.78
N LEU C 127 8.86 -1.62 2.49
CA LEU C 127 9.88 -0.60 2.34
C LEU C 127 10.03 -0.20 0.89
N THR C 128 10.36 1.02 0.58
CA THR C 128 10.59 1.43 -0.79
C THR C 128 11.95 0.92 -1.25
N ASN C 129 12.22 0.95 -2.55
CA ASN C 129 13.51 0.50 -3.03
C ASN C 129 14.66 1.31 -2.45
N GLU C 130 14.42 2.60 -2.31
CA GLU C 130 15.34 3.53 -1.76
C GLU C 130 15.69 3.27 -0.31
N GLU C 131 14.69 2.94 0.47
CA GLU C 131 14.87 2.60 1.88
C GLU C 131 15.68 1.32 2.00
N LEU C 132 15.39 0.34 1.18
CA LEU C 132 16.10 -0.92 1.18
C LEU C 132 17.59 -0.75 0.80
N GLN C 133 17.87 0.22 -0.06
CA GLN C 133 19.22 0.54 -0.48
C GLN C 133 20.10 1.05 0.66
N ARG C 134 19.48 1.54 1.72
CA ARG C 134 20.15 2.03 2.89
C ARG C 134 20.55 0.89 3.82
N CYS C 135 20.10 -0.30 3.49
CA CYS C 135 20.37 -1.48 4.27
C CYS C 135 21.44 -2.33 3.65
N GLN C 136 22.34 -2.87 4.48
CA GLN C 136 23.42 -3.71 3.96
C GLN C 136 22.97 -5.13 3.73
N PHE C 137 22.08 -5.62 4.56
CA PHE C 137 21.54 -6.94 4.43
C PHE C 137 20.03 -6.88 4.35
N HIS C 138 19.49 -7.82 3.64
CA HIS C 138 18.07 -7.95 3.45
C HIS C 138 17.64 -9.27 4.05
N VAL C 139 16.63 -9.21 4.88
CA VAL C 139 16.13 -10.35 5.57
C VAL C 139 14.74 -10.71 5.09
N HIS C 140 14.56 -11.97 4.75
CA HIS C 140 13.29 -12.51 4.36
C HIS C 140 12.88 -13.63 5.30
N ILE C 141 11.65 -13.58 5.76
CA ILE C 141 11.14 -14.62 6.56
C ILE C 141 10.49 -15.62 5.60
N PRO C 142 10.98 -16.87 5.62
CA PRO C 142 10.37 -17.83 4.69
C PRO C 142 8.92 -18.02 5.08
N SER C 143 8.08 -17.96 4.07
CA SER C 143 6.63 -18.01 4.20
C SER C 143 5.93 -18.57 2.97
N ASP C 144 4.65 -18.90 3.06
CA ASP C 144 3.96 -19.45 1.89
C ASP C 144 4.02 -18.42 0.79
N PRO C 145 4.42 -18.77 -0.42
CA PRO C 145 4.49 -17.78 -1.49
C PRO C 145 3.15 -17.19 -1.91
N GLU C 146 2.11 -17.97 -1.75
CA GLU C 146 0.75 -17.62 -2.07
C GLU C 146 0.10 -16.65 -1.06
N PHE C 147 0.73 -16.51 0.10
CA PHE C 147 0.30 -15.65 1.19
C PHE C 147 1.51 -15.40 2.09
N GLY C 148 2.48 -14.67 1.58
CA GLY C 148 3.71 -14.40 2.27
C GLY C 148 3.91 -13.18 3.12
N SER C 149 2.91 -12.34 3.23
CA SER C 149 3.06 -11.15 4.04
C SER C 149 2.60 -11.28 5.48
N LEU C 150 3.55 -11.30 6.37
CA LEU C 150 3.26 -11.34 7.77
C LEU C 150 2.79 -10.00 8.29
N ASN C 151 1.99 -10.04 9.35
CA ASN C 151 1.60 -8.79 9.99
C ASN C 151 2.92 -8.16 10.45
N LEU C 152 2.98 -6.83 10.49
CA LEU C 152 4.17 -6.10 10.87
C LEU C 152 4.74 -6.39 12.24
N ALA C 153 3.89 -6.45 13.24
CA ALA C 153 4.26 -6.80 14.56
C ALA C 153 4.71 -8.26 14.65
N ALA C 154 4.07 -9.14 13.90
CA ALA C 154 4.39 -10.54 13.84
C ALA C 154 5.79 -10.76 13.28
N ALA C 155 6.15 -10.01 12.28
CA ALA C 155 7.49 -10.02 11.65
C ALA C 155 8.55 -9.53 12.65
N VAL C 156 8.20 -8.53 13.47
CA VAL C 156 9.07 -8.04 14.49
C VAL C 156 9.31 -9.13 15.52
N GLN C 157 8.27 -9.86 15.88
CA GLN C 157 8.35 -10.94 16.85
C GLN C 157 9.28 -12.07 16.39
N VAL C 158 9.20 -12.45 15.12
CA VAL C 158 10.03 -13.50 14.56
C VAL C 158 11.51 -13.14 14.60
N LEU C 159 11.83 -11.95 14.15
CA LEU C 159 13.17 -11.49 14.18
C LEU C 159 13.77 -11.31 15.60
N THR C 160 13.01 -10.71 16.49
CA THR C 160 13.43 -10.51 17.86
C THR C 160 13.61 -11.85 18.59
N TYR C 161 12.75 -12.78 18.27
CA TYR C 161 12.81 -14.12 18.82
C TYR C 161 14.13 -14.80 18.38
N GLU C 162 14.48 -14.72 17.11
CA GLU C 162 15.73 -15.28 16.57
C GLU C 162 16.93 -14.61 17.20
N VAL C 163 16.86 -13.31 17.39
CA VAL C 163 17.90 -12.53 18.04
C VAL C 163 18.14 -13.05 19.48
N ARG C 164 17.10 -13.25 20.27
CA ARG C 164 17.26 -13.79 21.60
C ARG C 164 17.82 -15.23 21.58
N MET C 165 17.36 -16.05 20.66
CA MET C 165 17.81 -17.39 20.56
C MET C 165 19.34 -17.49 20.35
N ALA C 166 19.86 -16.63 19.49
CA ALA C 166 21.27 -16.53 19.21
C ALA C 166 22.05 -15.95 20.38
N TRP C 167 21.48 -14.95 21.03
CA TRP C 167 22.04 -14.32 22.20
C TRP C 167 22.16 -15.30 23.35
N LEU C 168 21.17 -16.15 23.55
CA LEU C 168 21.24 -17.15 24.59
C LEU C 168 22.28 -18.21 24.26
N ALA C 169 22.30 -18.68 23.04
CA ALA C 169 23.24 -19.68 22.64
C ALA C 169 24.67 -19.26 22.82
N ALA C 170 24.94 -17.99 22.59
CA ALA C 170 26.25 -17.43 22.74
C ALA C 170 26.75 -17.51 24.18
N GLN C 171 25.83 -17.42 25.13
CA GLN C 171 26.10 -17.45 26.56
C GLN C 171 26.15 -18.88 27.08
N GLY C 172 25.92 -19.85 26.21
CA GLY C 172 25.86 -21.25 26.59
C GLY C 172 24.45 -21.64 26.98
N LYS C 173 23.56 -20.73 26.59
CA LYS C 173 22.09 -20.71 26.77
C LYS C 173 21.66 -20.49 28.21
N PHE D 3 3.13 -34.21 -1.65
CA PHE D 3 2.55 -34.45 -0.33
C PHE D 3 3.44 -33.94 0.81
N GLN D 4 4.53 -33.21 0.47
CA GLN D 4 5.43 -32.60 1.44
C GLN D 4 4.67 -31.42 2.05
N SER D 5 4.01 -30.63 1.18
CA SER D 5 3.18 -29.48 1.52
C SER D 5 1.93 -29.91 2.32
N MET D 6 1.35 -31.10 1.99
CA MET D 6 0.15 -31.63 2.63
C MET D 6 0.33 -32.00 4.11
N MET D 7 1.59 -32.09 4.57
CA MET D 7 1.97 -32.40 5.95
C MET D 7 1.43 -31.35 6.90
N LEU D 8 1.60 -30.11 6.48
CA LEU D 8 1.21 -28.96 7.25
C LEU D 8 -0.28 -28.94 7.56
N ASP D 9 -1.05 -29.49 6.66
CA ASP D 9 -2.49 -29.55 6.78
C ASP D 9 -2.94 -30.39 7.95
N ARG D 10 -2.05 -31.25 8.41
CA ARG D 10 -2.30 -32.15 9.52
C ARG D 10 -1.94 -31.55 10.86
N ILE D 11 -1.61 -30.28 10.90
CA ILE D 11 -1.30 -29.61 12.12
C ILE D 11 -2.53 -28.81 12.48
N ARG D 12 -3.02 -29.06 13.65
CA ARG D 12 -4.20 -28.44 14.22
C ARG D 12 -3.75 -27.36 15.21
N VAL D 13 -4.16 -26.12 15.02
CA VAL D 13 -3.83 -25.09 15.98
C VAL D 13 -5.07 -24.96 16.86
N VAL D 14 -4.91 -25.19 18.12
CA VAL D 14 -6.01 -25.17 19.07
C VAL D 14 -5.89 -23.95 19.98
N LEU D 15 -6.89 -23.10 19.97
CA LEU D 15 -6.94 -21.94 20.83
C LEU D 15 -7.96 -22.16 21.93
N VAL D 16 -7.52 -22.12 23.16
CA VAL D 16 -8.40 -22.39 24.29
C VAL D 16 -8.94 -21.10 24.93
N ASN D 17 -10.26 -20.96 24.87
CA ASN D 17 -11.02 -19.89 25.48
C ASN D 17 -10.50 -18.50 25.19
N THR D 18 -10.31 -18.15 23.94
CA THR D 18 -9.77 -16.86 23.56
C THR D 18 -10.70 -15.70 23.97
N SER D 19 -10.15 -14.73 24.63
CA SER D 19 -10.91 -13.56 25.07
C SER D 19 -11.04 -12.52 23.94
N HIS D 20 -9.92 -12.05 23.35
CA HIS D 20 -9.92 -11.01 22.30
C HIS D 20 -10.05 -11.58 20.91
N PRO D 21 -11.17 -11.28 20.20
CA PRO D 21 -11.36 -11.84 18.85
C PRO D 21 -10.29 -11.46 17.83
N GLY D 22 -9.61 -10.33 18.00
CA GLY D 22 -8.50 -9.95 17.14
C GLY D 22 -7.36 -10.95 17.18
N ASN D 23 -7.16 -11.63 18.34
CA ASN D 23 -6.12 -12.67 18.49
C ASN D 23 -6.43 -13.91 17.68
N ILE D 24 -7.72 -14.22 17.46
CA ILE D 24 -8.17 -15.34 16.62
C ILE D 24 -7.76 -15.05 15.16
N GLY D 25 -8.02 -13.81 14.72
CA GLY D 25 -7.67 -13.33 13.38
C GLY D 25 -6.18 -13.28 13.11
N GLY D 26 -5.41 -12.78 14.10
CA GLY D 26 -3.96 -12.74 14.07
C GLY D 26 -3.37 -14.15 14.01
N ALA D 27 -3.93 -15.10 14.80
CA ALA D 27 -3.50 -16.50 14.78
C ALA D 27 -3.77 -17.11 13.40
N ALA D 28 -4.96 -16.84 12.84
CA ALA D 28 -5.37 -17.33 11.52
C ALA D 28 -4.39 -16.86 10.44
N ARG D 29 -4.02 -15.58 10.46
CA ARG D 29 -3.04 -15.03 9.57
C ARG D 29 -1.63 -15.63 9.73
N ALA D 30 -1.14 -15.69 10.97
CA ALA D 30 0.15 -16.30 11.30
C ALA D 30 0.25 -17.73 10.74
N MET D 31 -0.81 -18.52 10.87
CA MET D 31 -0.91 -19.90 10.35
C MET D 31 -0.84 -19.92 8.83
N LYS D 32 -1.69 -19.12 8.13
CA LYS D 32 -1.74 -19.05 6.67
C LYS D 32 -0.39 -18.64 6.07
N ASN D 33 0.28 -17.65 6.70
CA ASN D 33 1.62 -17.20 6.28
C ASN D 33 2.64 -18.33 6.34
N MET D 34 2.43 -19.34 7.21
CA MET D 34 3.38 -20.46 7.35
C MET D 34 2.94 -21.76 6.68
N GLY D 35 1.80 -21.74 6.01
CA GLY D 35 1.27 -22.88 5.27
C GLY D 35 0.32 -23.78 6.04
N LEU D 36 -0.08 -23.36 7.26
CA LEU D 36 -1.04 -24.11 8.10
C LEU D 36 -2.46 -23.63 7.79
N SER D 37 -3.46 -24.48 8.02
CA SER D 37 -4.83 -24.15 7.66
C SER D 37 -5.91 -24.55 8.69
N GLN D 38 -5.63 -25.53 9.51
CA GLN D 38 -6.58 -26.05 10.42
C GLN D 38 -6.61 -25.42 11.82
N LEU D 39 -7.62 -24.59 12.03
CA LEU D 39 -7.82 -23.87 13.28
C LEU D 39 -9.02 -24.44 14.07
N VAL D 40 -8.83 -24.62 15.34
CA VAL D 40 -9.85 -25.10 16.24
C VAL D 40 -9.95 -24.19 17.46
N LEU D 41 -11.17 -23.81 17.79
CA LEU D 41 -11.42 -22.88 18.89
C LEU D 41 -12.24 -23.55 19.97
N VAL D 42 -11.74 -23.56 21.20
CA VAL D 42 -12.41 -24.18 22.33
C VAL D 42 -13.06 -23.06 23.12
N GLN D 43 -14.37 -22.97 23.07
CA GLN D 43 -15.09 -21.97 23.81
C GLN D 43 -14.60 -20.52 23.64
N PRO D 44 -14.50 -20.02 22.44
CA PRO D 44 -14.03 -18.63 22.33
C PRO D 44 -15.08 -17.67 22.92
N GLU D 45 -14.61 -16.59 23.57
CA GLU D 45 -15.51 -15.60 24.18
C GLU D 45 -16.39 -14.91 23.13
N SER D 46 -15.81 -14.47 21.99
CA SER D 46 -16.57 -13.78 20.93
C SER D 46 -16.14 -14.25 19.56
N PHE D 47 -16.95 -15.11 18.93
CA PHE D 47 -16.67 -15.66 17.60
C PHE D 47 -17.93 -16.22 16.96
N PRO D 48 -18.23 -15.91 15.67
CA PRO D 48 -17.51 -14.98 14.76
C PRO D 48 -17.56 -13.54 15.27
N HIS D 49 -16.62 -12.71 14.80
CA HIS D 49 -16.51 -11.31 15.20
C HIS D 49 -15.72 -10.56 14.13
N GLY D 50 -16.05 -9.30 13.88
CA GLY D 50 -15.36 -8.52 12.91
C GLY D 50 -13.89 -8.29 13.18
N ASP D 51 -13.53 -8.09 14.43
CA ASP D 51 -12.13 -7.91 14.81
C ASP D 51 -11.25 -9.08 14.37
N ALA D 52 -11.82 -10.31 14.35
CA ALA D 52 -11.12 -11.52 13.91
C ALA D 52 -10.94 -11.44 12.40
N VAL D 53 -11.99 -11.06 11.69
CA VAL D 53 -11.97 -10.89 10.25
C VAL D 53 -10.98 -9.83 9.81
N ALA D 54 -10.96 -8.71 10.52
CA ALA D 54 -10.05 -7.58 10.30
C ALA D 54 -8.56 -7.97 10.46
N ARG D 55 -8.22 -8.65 11.55
CA ARG D 55 -6.88 -9.11 11.82
C ARG D 55 -6.43 -10.26 10.93
N ALA D 56 -7.38 -11.02 10.41
CA ALA D 56 -7.09 -12.12 9.51
C ALA D 56 -6.41 -11.65 8.22
N SER D 57 -6.78 -10.51 7.70
CA SER D 57 -6.10 -9.95 6.54
C SER D 57 -5.79 -10.89 5.38
N GLY D 58 -6.81 -11.49 4.81
CA GLY D 58 -6.72 -12.48 3.72
C GLY D 58 -6.89 -13.94 4.11
N ALA D 59 -6.82 -14.20 5.41
CA ALA D 59 -6.90 -15.52 6.06
C ALA D 59 -8.28 -15.88 6.56
N THR D 60 -9.30 -15.29 5.96
CA THR D 60 -10.71 -15.49 6.31
C THR D 60 -11.17 -16.92 6.07
N ASP D 61 -10.53 -17.56 5.11
CA ASP D 61 -10.83 -18.95 4.75
C ASP D 61 -10.55 -19.91 5.93
N ILE D 62 -9.55 -19.56 6.73
CA ILE D 62 -9.22 -20.28 7.93
C ILE D 62 -10.28 -20.10 9.02
N LEU D 63 -10.75 -18.88 9.16
CA LEU D 63 -11.82 -18.53 10.10
C LEU D 63 -13.14 -19.21 9.70
N ASP D 64 -13.44 -19.27 8.42
CA ASP D 64 -14.62 -19.91 7.90
C ASP D 64 -14.60 -21.42 8.13
N ALA D 65 -13.44 -22.03 7.92
CA ALA D 65 -13.27 -23.47 8.12
C ALA D 65 -13.01 -23.86 9.58
N ALA D 66 -12.84 -22.87 10.48
CA ALA D 66 -12.56 -23.10 11.90
C ALA D 66 -13.63 -23.90 12.61
N ARG D 67 -13.22 -24.88 13.39
CA ARG D 67 -14.10 -25.72 14.19
C ARG D 67 -14.24 -25.10 15.57
N VAL D 68 -15.48 -24.87 16.01
CA VAL D 68 -15.75 -24.33 17.34
C VAL D 68 -16.29 -25.47 18.20
N VAL D 69 -15.68 -25.70 19.36
CA VAL D 69 -16.00 -26.79 20.25
C VAL D 69 -16.14 -26.42 21.70
N ASP D 70 -16.82 -27.23 22.49
CA ASP D 70 -16.96 -26.93 23.88
C ASP D 70 -15.86 -27.44 24.77
N THR D 71 -15.21 -28.52 24.36
CA THR D 71 -14.15 -29.09 25.19
C THR D 71 -12.81 -29.25 24.46
N LEU D 72 -11.71 -29.27 25.24
CA LEU D 72 -10.37 -29.54 24.74
C LEU D 72 -10.30 -30.99 24.22
N GLU D 73 -10.95 -31.94 24.89
CA GLU D 73 -10.98 -33.33 24.42
C GLU D 73 -11.58 -33.44 23.02
N GLU D 74 -12.66 -32.76 22.74
CA GLU D 74 -13.27 -32.71 21.42
C GLU D 74 -12.29 -32.14 20.38
N ALA D 75 -11.53 -31.09 20.79
CA ALA D 75 -10.52 -30.43 19.93
C ALA D 75 -9.36 -31.36 19.60
N LEU D 76 -8.94 -32.22 20.55
CA LEU D 76 -7.80 -33.14 20.38
C LEU D 76 -8.17 -34.50 19.77
N SER D 77 -9.47 -34.77 19.57
CA SER D 77 -9.98 -36.03 18.98
C SER D 77 -9.34 -36.34 17.61
N GLY D 78 -8.64 -37.46 17.54
CA GLY D 78 -7.93 -37.88 16.35
C GLY D 78 -6.44 -37.51 16.25
N CYS D 79 -5.94 -36.75 17.18
CA CYS D 79 -4.54 -36.38 17.21
C CYS D 79 -3.67 -37.47 17.75
N SER D 80 -2.53 -37.67 17.07
CA SER D 80 -1.52 -38.67 17.40
C SER D 80 -0.67 -38.13 18.56
N VAL D 81 -0.41 -36.81 18.57
CA VAL D 81 0.41 -36.10 19.56
C VAL D 81 -0.16 -34.69 19.84
N VAL D 82 -0.06 -34.25 21.07
CA VAL D 82 -0.51 -32.94 21.49
C VAL D 82 0.63 -32.22 22.19
N LEU D 83 0.91 -31.00 21.74
CA LEU D 83 1.93 -30.13 22.29
C LEU D 83 1.25 -28.88 22.80
N GLY D 84 1.48 -28.58 24.05
CA GLY D 84 0.89 -27.46 24.72
C GLY D 84 1.92 -26.46 25.06
N THR D 85 1.53 -25.21 25.05
CA THR D 85 2.41 -24.09 25.28
C THR D 85 2.33 -23.58 26.70
N SER D 86 3.44 -23.14 27.22
CA SER D 86 3.51 -22.66 28.59
C SER D 86 4.36 -21.39 28.63
N ALA D 87 3.75 -20.29 29.02
CA ALA D 87 4.41 -19.00 29.17
C ALA D 87 5.32 -18.99 30.40
N ARG D 88 4.99 -19.86 31.32
CA ARG D 88 5.71 -20.11 32.56
C ARG D 88 6.88 -21.07 32.32
N ASP D 89 8.05 -20.70 32.81
CA ASP D 89 9.26 -21.52 32.67
C ASP D 89 9.68 -22.20 34.00
N ARG D 90 9.47 -21.48 35.12
CA ARG D 90 9.73 -21.93 36.51
C ARG D 90 8.42 -22.48 37.11
N ARG D 91 8.54 -23.34 38.16
CA ARG D 91 7.42 -23.97 38.89
C ARG D 91 6.53 -24.81 37.92
N ILE D 92 7.19 -25.63 37.08
CA ILE D 92 6.53 -26.49 36.09
C ILE D 92 6.81 -27.96 36.39
N PRO D 93 5.78 -28.81 36.60
CA PRO D 93 6.03 -30.24 36.85
C PRO D 93 6.09 -31.05 35.55
N TRP D 94 6.80 -30.49 34.56
CA TRP D 94 6.98 -31.09 33.24
C TRP D 94 8.26 -30.60 32.56
N PRO D 95 8.85 -31.39 31.65
CA PRO D 95 10.04 -30.91 30.91
C PRO D 95 9.61 -30.00 29.73
N LEU D 96 10.39 -28.93 29.45
CA LEU D 96 10.03 -27.96 28.40
C LEU D 96 10.83 -28.05 27.10
N LEU D 97 10.13 -28.18 25.95
CA LEU D 97 10.78 -28.11 24.65
C LEU D 97 10.85 -26.64 24.25
N ASP D 98 11.84 -26.26 23.48
CA ASP D 98 11.92 -24.93 22.92
C ASP D 98 11.23 -24.95 21.54
N PRO D 99 10.94 -23.82 20.89
CA PRO D 99 10.19 -23.92 19.61
C PRO D 99 10.87 -24.70 18.50
N ARG D 100 12.21 -24.78 18.54
CA ARG D 100 12.96 -25.59 17.57
C ARG D 100 12.73 -27.09 17.80
N GLU D 101 12.86 -27.54 19.03
CA GLU D 101 12.58 -28.96 19.34
C GLU D 101 11.12 -29.27 19.10
N CYS D 102 10.20 -28.29 19.37
CA CYS D 102 8.76 -28.45 19.14
C CYS D 102 8.54 -28.69 17.62
N ALA D 103 9.24 -27.95 16.79
CA ALA D 103 9.10 -28.11 15.34
C ALA D 103 9.52 -29.50 14.85
N THR D 104 10.65 -29.97 15.32
CA THR D 104 11.18 -31.33 15.02
C THR D 104 10.19 -32.41 15.46
N THR D 105 9.70 -32.31 16.71
CA THR D 105 8.71 -33.22 17.27
C THR D 105 7.46 -33.28 16.37
N CYS D 106 6.91 -32.14 15.99
CA CYS D 106 5.73 -32.12 15.15
C CYS D 106 5.95 -32.78 13.82
N LEU D 107 7.05 -32.48 13.13
CA LEU D 107 7.31 -33.08 11.83
C LEU D 107 7.57 -34.58 11.91
N GLU D 108 8.18 -35.05 12.97
CA GLU D 108 8.41 -36.46 13.18
C GLU D 108 7.07 -37.17 13.25
N HIS D 109 6.13 -36.61 13.98
CA HIS D 109 4.79 -37.19 14.12
C HIS D 109 3.92 -37.06 12.89
N LEU D 110 4.28 -36.17 11.96
CA LEU D 110 3.54 -36.03 10.72
C LEU D 110 3.84 -37.23 9.77
N GLU D 111 4.64 -38.19 10.22
CA GLU D 111 4.91 -39.43 9.47
C GLU D 111 3.72 -40.40 9.56
N ALA D 112 3.49 -41.18 8.54
CA ALA D 112 2.37 -42.14 8.43
C ALA D 112 1.01 -41.52 8.74
N ASN D 113 0.74 -40.37 8.15
CA ASN D 113 -0.54 -39.68 8.32
C ASN D 113 -0.93 -39.28 9.73
N GLY D 114 0.06 -39.06 10.57
CA GLY D 114 -0.16 -38.67 11.96
C GLY D 114 -0.72 -37.26 12.04
N GLU D 115 -1.47 -36.95 13.09
CA GLU D 115 -2.06 -35.64 13.27
C GLU D 115 -1.45 -35.01 14.52
N VAL D 116 -1.12 -33.73 14.41
CA VAL D 116 -0.50 -32.99 15.51
C VAL D 116 -1.39 -31.83 15.95
N ALA D 117 -1.43 -31.54 17.26
CA ALA D 117 -2.16 -30.41 17.80
C ALA D 117 -1.19 -29.51 18.55
N LEU D 118 -1.26 -28.20 18.25
CA LEU D 118 -0.48 -27.18 18.94
C LEU D 118 -1.51 -26.41 19.76
N VAL D 119 -1.41 -26.47 21.08
CA VAL D 119 -2.41 -25.88 21.99
C VAL D 119 -1.89 -24.60 22.65
N PHE D 120 -2.73 -23.58 22.56
CA PHE D 120 -2.50 -22.27 23.07
C PHE D 120 -3.60 -21.86 24.08
N GLY D 121 -3.23 -21.15 25.13
CA GLY D 121 -4.19 -20.75 26.16
C GLY D 121 -4.71 -19.33 26.10
N ARG D 122 -5.43 -18.96 27.17
CA ARG D 122 -6.08 -17.66 27.39
C ARG D 122 -5.07 -16.56 27.53
N GLU D 123 -5.39 -15.37 27.00
CA GLU D 123 -4.53 -14.17 27.03
C GLU D 123 -4.02 -13.86 28.42
N TYR D 124 -4.85 -13.92 29.44
CA TYR D 124 -4.27 -13.71 30.73
C TYR D 124 -3.93 -14.98 31.53
N ALA D 125 -4.82 -15.93 31.58
CA ALA D 125 -4.63 -17.08 32.44
C ALA D 125 -3.84 -18.26 31.84
N GLY D 126 -3.73 -18.31 30.51
CA GLY D 126 -3.02 -19.39 29.83
C GLY D 126 -3.86 -20.66 29.82
N LEU D 127 -3.23 -21.80 29.99
CA LEU D 127 -3.91 -23.07 30.06
C LEU D 127 -3.94 -23.57 31.50
N THR D 128 -4.98 -24.27 31.86
CA THR D 128 -5.08 -24.77 33.25
C THR D 128 -4.16 -26.00 33.39
N ASN D 129 -3.92 -26.46 34.64
CA ASN D 129 -3.08 -27.64 34.90
C ASN D 129 -3.68 -28.89 34.27
N GLU D 130 -5.00 -28.99 34.27
CA GLU D 130 -5.74 -30.07 33.62
C GLU D 130 -5.60 -30.08 32.12
N GLU D 131 -5.68 -28.92 31.49
CA GLU D 131 -5.51 -28.81 30.04
C GLU D 131 -4.09 -29.23 29.64
N LEU D 132 -3.12 -28.83 30.43
CA LEU D 132 -1.74 -29.17 30.19
C LEU D 132 -1.46 -30.68 30.31
N GLN D 133 -2.19 -31.32 31.21
CA GLN D 133 -2.07 -32.76 31.44
C GLN D 133 -2.57 -33.57 30.24
N ARG D 134 -3.35 -32.97 29.36
CA ARG D 134 -3.79 -33.64 28.16
C ARG D 134 -2.75 -33.57 27.05
N CYS D 135 -1.71 -32.79 27.26
CA CYS D 135 -0.61 -32.61 26.32
C CYS D 135 0.53 -33.57 26.66
N GLN D 136 1.15 -34.19 25.63
CA GLN D 136 2.28 -35.09 25.85
C GLN D 136 3.57 -34.30 25.96
N PHE D 137 3.64 -33.14 25.28
CA PHE D 137 4.81 -32.26 25.31
C PHE D 137 4.39 -30.86 25.69
N HIS D 138 5.31 -30.13 26.31
CA HIS D 138 5.09 -28.76 26.74
C HIS D 138 6.17 -27.89 26.12
N VAL D 139 5.75 -26.81 25.47
CA VAL D 139 6.61 -25.91 24.71
C VAL D 139 6.68 -24.55 25.36
N HIS D 140 7.89 -24.07 25.54
CA HIS D 140 8.12 -22.75 26.04
C HIS D 140 9.00 -21.95 25.11
N ILE D 141 8.53 -20.77 24.75
CA ILE D 141 9.28 -19.84 23.90
C ILE D 141 10.22 -19.10 24.86
N PRO D 142 11.52 -19.18 24.69
CA PRO D 142 12.41 -18.44 25.57
C PRO D 142 12.10 -16.98 25.43
N SER D 143 11.98 -16.30 26.56
CA SER D 143 11.65 -14.87 26.61
C SER D 143 12.28 -14.25 27.85
N ASP D 144 12.15 -12.96 28.00
CA ASP D 144 12.71 -12.31 29.14
C ASP D 144 12.03 -12.78 30.41
N PRO D 145 12.78 -13.12 31.43
CA PRO D 145 12.19 -13.56 32.68
C PRO D 145 11.36 -12.50 33.38
N GLU D 146 11.71 -11.24 33.26
CA GLU D 146 11.01 -10.13 33.90
C GLU D 146 9.67 -9.80 33.22
N PHE D 147 9.55 -10.12 31.97
CA PHE D 147 8.35 -9.97 31.08
CA PHE D 147 8.47 -10.00 30.99
C PHE D 147 8.23 -11.09 29.84
N GLY D 148 7.86 -12.25 30.39
CA GLY D 148 7.83 -13.42 29.52
C GLY D 148 6.59 -13.85 28.78
N SER D 149 5.49 -13.05 28.83
CA SER D 149 4.26 -13.44 28.15
C SER D 149 4.07 -12.74 26.79
N LEU D 150 4.16 -13.53 25.75
CA LEU D 150 3.95 -13.05 24.41
C LEU D 150 2.49 -12.95 24.10
N ASN D 151 2.15 -12.11 23.17
CA ASN D 151 0.78 -12.01 22.76
C ASN D 151 0.41 -13.36 22.20
N LEU D 152 -0.83 -13.77 22.34
CA LEU D 152 -1.34 -15.07 21.85
C LEU D 152 -1.03 -15.34 20.38
N ALA D 153 -1.38 -14.39 19.50
CA ALA D 153 -1.15 -14.50 18.05
C ALA D 153 0.35 -14.52 17.74
N ALA D 154 1.17 -13.74 18.49
CA ALA D 154 2.63 -13.68 18.30
C ALA D 154 3.27 -15.04 18.65
N ALA D 155 2.78 -15.72 19.67
CA ALA D 155 3.20 -17.04 20.04
C ALA D 155 2.86 -18.06 18.95
N VAL D 156 1.67 -17.97 18.40
CA VAL D 156 1.26 -18.84 17.29
C VAL D 156 2.25 -18.62 16.11
N GLN D 157 2.64 -17.38 15.84
CA GLN D 157 3.59 -17.07 14.80
C GLN D 157 4.99 -17.63 15.00
N VAL D 158 5.52 -17.53 16.21
CA VAL D 158 6.84 -18.09 16.56
C VAL D 158 6.87 -19.63 16.31
N LEU D 159 5.86 -20.34 16.82
CA LEU D 159 5.76 -21.80 16.70
C LEU D 159 5.55 -22.29 15.27
N THR D 160 4.67 -21.62 14.50
CA THR D 160 4.39 -22.00 13.12
C THR D 160 5.57 -21.61 12.23
N TYR D 161 6.30 -20.54 12.60
CA TYR D 161 7.51 -20.12 11.89
C TYR D 161 8.61 -21.20 12.04
N GLU D 162 8.82 -21.70 13.28
CA GLU D 162 9.82 -22.76 13.53
C GLU D 162 9.43 -24.05 12.80
N VAL D 163 8.13 -24.36 12.76
CA VAL D 163 7.60 -25.52 12.03
C VAL D 163 7.97 -25.42 10.53
N ARG D 164 7.70 -24.25 9.91
CA ARG D 164 8.02 -24.04 8.50
C ARG D 164 9.54 -24.11 8.22
N MET D 165 10.38 -23.52 9.11
CA MET D 165 11.84 -23.55 8.99
C MET D 165 12.39 -24.96 8.91
N ALA D 166 11.90 -25.88 9.79
CA ALA D 166 12.33 -27.27 9.87
C ALA D 166 11.80 -28.05 8.68
N TRP D 167 10.61 -27.71 8.25
CA TRP D 167 10.00 -28.33 7.10
C TRP D 167 10.75 -27.99 5.82
N LEU D 168 11.13 -26.74 5.67
CA LEU D 168 11.90 -26.28 4.53
C LEU D 168 13.27 -26.94 4.52
N ALA D 169 13.98 -26.93 5.61
CA ALA D 169 15.29 -27.52 5.68
C ALA D 169 15.31 -28.99 5.33
N ALA D 170 14.30 -29.72 5.76
CA ALA D 170 14.15 -31.13 5.46
C ALA D 170 14.03 -31.41 3.97
N GLN D 171 13.61 -30.42 3.20
CA GLN D 171 13.43 -30.50 1.75
C GLN D 171 14.68 -30.00 1.02
N GLY D 172 15.65 -29.53 1.80
CA GLY D 172 16.90 -28.93 1.30
C GLY D 172 16.69 -27.47 0.99
N LYS D 173 15.61 -26.89 1.58
CA LYS D 173 15.12 -25.50 1.46
C LYS D 173 14.52 -25.25 0.08
#